data_3VG9
#
_entry.id   3VG9
#
_cell.length_a   121.180
_cell.length_b   90.150
_cell.length_c   113.550
_cell.angle_alpha   90.00
_cell.angle_beta   98.10
_cell.angle_gamma   90.00
#
_symmetry.space_group_name_H-M   'C 1 2 1'
#
loop_
_entity.id
_entity.type
_entity.pdbx_description
1 polymer 'Adenosine receptor A2a'
2 polymer 'antibody fab fragment light chain'
3 polymer 'antibody fab fragment heavy chain'
4 non-polymer 4-{2-[(7-amino-2-furan-2-yl[1,2,4]triazolo[1,5-a][1,3,5]triazin-5-yl)amino]ethyl}phenol
5 non-polymer 'STEARIC ACID'
6 non-polymer DODECYL-BETA-D-MALTOSIDE
7 water water
#
loop_
_entity_poly.entity_id
_entity_poly.type
_entity_poly.pdbx_seq_one_letter_code
_entity_poly.pdbx_strand_id
1 'polypeptide(L)'
;MPIMGSSVYITVELAIAVLAILGNVLVCWAVWLNSNLQNVTNYFVVSLAAADIAVGVLAIPFAITISTGFCAACHGCLFI
ACFVLVLTQSSIFSLLAIAIDRYIAIRIPLRYNGLVTGTRAKGIIAICWVLSFAIGLTPMLGWNNCGQPKEGKQHSQGCG
EGQVACLFEDVVPMNYMVYFNFFACVLVPLLLMLGVYLRIFLAARRQLKQMESQPLPGERARSTLQKEVHAAKSLAIIVG
LFALCWLPLHIINCFTFFCPDCSHAPLWLMYLAIVLSHTNSVVNPFIYAYRIREFRQTFRKIIRSHVLRQQEPFKAHHHH
HHHHHH
;
A
2 'polypeptide(L)'
;DIVMTQSPASLSASVGDTVTITCRASEFIYSSLTWYQQKQGGSPQLLVYAATNLADAVPSRFSGSGSGTQFSLKINRLQP
EDFGTYYCQHFYGSTWAFGGGTKLEIKRADAAPTVSIFPPSSEQLTSGGASVVCFLNNFYPKDINVKWKIDGSERQNGVL
NSWTDQDSKDSTYSMSSTLTLTKDEYERHNSYTCEATHKTSTSPIVKSFNRNEC
;
B
3 'polypeptide(L)'
;EVQLQQSGAELVKPGSSVKISCKTSGDSFTAYNMNWVKQSHGKSLEWIGNINPYYGSTRYNQKFKGKATLTVDKSSSTAY
IQLNSLTSEDSAVYYCAREGNYYDGGSVRYFDYWGQGTTLTVSSAKTTAPSVYPLAPVCGDTSGSSVTLGCLVKGYFPEP
VTLTWNSGSLSSGVHTFPAVLQSDLYTLSSSVTVTSSTWPSQSITCNVAHPASSTKVDKKIEPRGP
;
C
#
loop_
_chem_comp.id
_chem_comp.type
_chem_comp.name
_chem_comp.formula
LMT D-saccharide DODECYL-BETA-D-MALTOSIDE 'C24 H46 O11'
STE non-polymer 'STEARIC ACID' 'C18 H36 O2'
ZMA non-polymer 4-{2-[(7-amino-2-furan-2-yl[1,2,4]triazolo[1,5-a][1,3,5]triazin-5-yl)amino]ethyl}phenol 'C16 H15 N7 O2'
#
# COMPACT_ATOMS: atom_id res chain seq x y z
N SER A 6 -49.10 -6.49 29.73
CA SER A 6 -48.06 -6.37 28.71
C SER A 6 -47.18 -7.62 28.62
N SER A 7 -47.68 -8.61 27.88
CA SER A 7 -46.93 -9.84 27.60
C SER A 7 -45.89 -9.57 26.52
N VAL A 8 -46.36 -9.19 25.33
CA VAL A 8 -45.51 -8.89 24.19
C VAL A 8 -44.30 -8.03 24.56
N TYR A 9 -44.55 -7.00 25.36
CA TYR A 9 -43.51 -6.08 25.82
C TYR A 9 -42.31 -6.82 26.40
N ILE A 10 -42.55 -7.80 27.27
CA ILE A 10 -41.46 -8.50 27.96
C ILE A 10 -40.61 -9.41 27.09
N THR A 11 -41.29 -10.27 26.34
CA THR A 11 -40.63 -11.06 25.33
C THR A 11 -39.82 -10.12 24.43
N VAL A 12 -40.35 -8.92 24.19
CA VAL A 12 -39.62 -7.87 23.46
C VAL A 12 -38.31 -7.47 24.12
N GLU A 13 -38.39 -6.91 25.31
CA GLU A 13 -37.19 -6.42 25.98
C GLU A 13 -36.14 -7.52 26.12
N LEU A 14 -36.62 -8.77 26.14
CA LEU A 14 -35.73 -9.92 26.01
C LEU A 14 -35.09 -9.98 24.60
N ALA A 15 -35.91 -9.94 23.55
CA ALA A 15 -35.39 -9.93 22.18
C ALA A 15 -34.31 -8.85 21.99
N ILE A 16 -34.58 -7.67 22.53
CA ILE A 16 -33.62 -6.59 22.61
C ILE A 16 -32.34 -7.04 23.31
N ALA A 17 -32.43 -7.41 24.58
CA ALA A 17 -31.22 -7.79 25.31
C ALA A 17 -30.35 -8.74 24.50
N VAL A 18 -30.96 -9.82 24.00
CA VAL A 18 -30.23 -10.81 23.24
C VAL A 18 -29.57 -10.19 21.98
N LEU A 19 -30.35 -9.42 21.23
CA LEU A 19 -29.81 -8.73 20.06
C LEU A 19 -28.62 -7.84 20.42
N ALA A 20 -28.87 -6.82 21.23
CA ALA A 20 -27.82 -5.87 21.61
C ALA A 20 -26.56 -6.60 22.04
N ILE A 21 -26.70 -7.56 22.95
CA ILE A 21 -25.55 -8.34 23.40
C ILE A 21 -24.81 -8.97 22.23
N LEU A 22 -25.54 -9.68 21.37
CA LEU A 22 -24.91 -10.37 20.24
C LEU A 22 -24.19 -9.42 19.30
N GLY A 23 -24.93 -8.45 18.76
CA GLY A 23 -24.37 -7.48 17.84
C GLY A 23 -23.15 -6.74 18.36
N ASN A 24 -23.22 -6.27 19.61
CA ASN A 24 -22.10 -5.49 20.14
C ASN A 24 -20.90 -6.35 20.56
N VAL A 25 -21.17 -7.55 21.06
CA VAL A 25 -20.10 -8.51 21.30
C VAL A 25 -19.40 -8.80 19.98
N LEU A 26 -20.18 -8.76 18.91
CA LEU A 26 -19.68 -9.00 17.56
C LEU A 26 -18.75 -7.86 17.14
N VAL A 27 -19.18 -6.62 17.40
CA VAL A 27 -18.32 -5.48 17.13
C VAL A 27 -17.00 -5.56 17.89
N CYS A 28 -17.06 -5.88 19.17
CA CYS A 28 -15.84 -5.92 19.98
C CYS A 28 -14.92 -7.07 19.56
N TRP A 29 -15.50 -8.20 19.20
CA TRP A 29 -14.74 -9.35 18.72
C TRP A 29 -14.10 -9.05 17.35
N ALA A 30 -14.80 -8.28 16.53
CA ALA A 30 -14.25 -7.81 15.27
C ALA A 30 -13.04 -6.93 15.55
N VAL A 31 -13.23 -5.90 16.36
CA VAL A 31 -12.16 -4.94 16.63
C VAL A 31 -10.93 -5.60 17.27
N TRP A 32 -11.16 -6.60 18.11
CA TRP A 32 -10.06 -7.35 18.71
C TRP A 32 -9.37 -8.22 17.66
N LEU A 33 -10.19 -8.77 16.77
CA LEU A 33 -9.77 -9.81 15.85
C LEU A 33 -8.99 -9.28 14.63
N ASN A 34 -9.42 -8.15 14.09
CA ASN A 34 -8.83 -7.57 12.88
C ASN A 34 -8.07 -6.28 13.16
N SER A 35 -6.77 -6.28 12.85
CA SER A 35 -5.88 -5.18 13.23
C SER A 35 -6.25 -3.84 12.61
N ASN A 36 -6.91 -3.87 11.47
CA ASN A 36 -7.22 -2.64 10.76
C ASN A 36 -8.23 -1.78 11.49
N LEU A 37 -9.03 -2.43 12.34
CA LEU A 37 -10.07 -1.77 13.10
C LEU A 37 -9.53 -1.26 14.43
N GLN A 38 -8.27 -1.52 14.70
CA GLN A 38 -7.72 -1.12 15.98
C GLN A 38 -7.11 0.27 15.87
N ASN A 39 -7.78 1.25 16.45
CA ASN A 39 -7.36 2.65 16.34
C ASN A 39 -8.28 3.53 17.18
N VAL A 40 -7.83 4.73 17.48
CA VAL A 40 -8.49 5.58 18.46
C VAL A 40 -10.01 5.67 18.22
N THR A 41 -10.37 5.98 16.98
CA THR A 41 -11.77 6.10 16.59
C THR A 41 -12.51 4.85 17.04
N ASN A 42 -11.90 3.71 16.77
CA ASN A 42 -12.50 2.43 17.11
C ASN A 42 -12.38 2.01 18.58
N TYR A 43 -11.53 2.68 19.35
CA TYR A 43 -11.58 2.52 20.79
C TYR A 43 -12.83 3.21 21.32
N PHE A 44 -13.10 4.42 20.82
CA PHE A 44 -14.36 5.10 21.19
C PHE A 44 -15.58 4.29 20.75
N VAL A 45 -15.49 3.73 19.54
CA VAL A 45 -16.53 2.85 19.03
C VAL A 45 -16.71 1.62 19.91
N VAL A 46 -15.61 1.09 20.42
CA VAL A 46 -15.67 -0.06 21.33
C VAL A 46 -16.32 0.35 22.65
N SER A 47 -16.07 1.58 23.09
CA SER A 47 -16.73 2.12 24.27
C SER A 47 -18.23 2.12 24.05
N LEU A 48 -18.65 2.57 22.86
CA LEU A 48 -20.05 2.56 22.49
C LEU A 48 -20.64 1.14 22.54
N ALA A 49 -19.93 0.19 21.95
CA ALA A 49 -20.34 -1.21 21.98
C ALA A 49 -20.56 -1.70 23.40
N ALA A 50 -19.55 -1.54 24.26
CA ALA A 50 -19.64 -2.03 25.63
C ALA A 50 -20.79 -1.39 26.38
N ALA A 51 -20.86 -0.06 26.35
CA ALA A 51 -21.98 0.64 26.99
C ALA A 51 -23.33 0.17 26.44
N ASP A 52 -23.34 -0.35 25.22
CA ASP A 52 -24.58 -0.89 24.68
C ASP A 52 -24.77 -2.38 24.96
N ILE A 53 -23.72 -3.02 25.49
CA ILE A 53 -23.83 -4.39 25.97
C ILE A 53 -24.40 -4.39 27.38
N ALA A 54 -23.96 -3.43 28.19
CA ALA A 54 -24.47 -3.29 29.56
C ALA A 54 -25.99 -3.17 29.55
N VAL A 55 -26.52 -2.37 28.62
CA VAL A 55 -27.97 -2.23 28.47
C VAL A 55 -28.64 -3.55 28.14
N GLY A 56 -27.94 -4.39 27.39
CA GLY A 56 -28.49 -5.69 27.03
C GLY A 56 -28.52 -6.61 28.25
N VAL A 57 -27.43 -6.66 28.99
CA VAL A 57 -27.32 -7.58 30.13
C VAL A 57 -27.97 -7.05 31.42
N LEU A 58 -28.08 -5.73 31.53
CA LEU A 58 -28.55 -5.09 32.75
C LEU A 58 -29.80 -4.23 32.57
N ALA A 59 -29.66 -3.14 31.84
CA ALA A 59 -30.69 -2.11 31.72
C ALA A 59 -32.08 -2.64 31.36
N ILE A 60 -32.15 -3.68 30.54
CA ILE A 60 -33.43 -4.32 30.23
C ILE A 60 -34.07 -5.15 31.36
N PRO A 61 -33.27 -5.96 32.07
CA PRO A 61 -33.85 -6.56 33.28
C PRO A 61 -34.37 -5.51 34.27
N PHE A 62 -33.62 -4.42 34.45
CA PHE A 62 -34.06 -3.33 35.33
C PHE A 62 -35.24 -2.59 34.74
N ALA A 63 -35.37 -2.66 33.42
CA ALA A 63 -36.52 -2.08 32.75
C ALA A 63 -37.72 -2.99 32.97
N ILE A 64 -37.44 -4.25 33.24
CA ILE A 64 -38.47 -5.27 33.42
C ILE A 64 -38.92 -5.55 34.85
N THR A 65 -38.12 -5.13 35.81
CA THR A 65 -38.49 -5.23 37.21
C THR A 65 -39.40 -4.05 37.46
N ILE A 66 -38.88 -2.86 37.21
CA ILE A 66 -39.58 -1.59 37.48
C ILE A 66 -41.01 -1.49 36.89
N SER A 67 -41.32 -2.26 35.86
CA SER A 67 -42.68 -2.36 35.33
C SER A 67 -43.61 -2.99 36.38
N THR A 68 -43.11 -4.01 37.06
CA THR A 68 -43.90 -4.78 38.01
C THR A 68 -43.97 -4.11 39.38
N GLY A 69 -43.37 -2.92 39.48
CA GLY A 69 -43.50 -2.14 40.70
C GLY A 69 -42.82 -2.70 41.94
N PHE A 70 -41.51 -2.90 41.90
CA PHE A 70 -40.81 -3.48 43.05
C PHE A 70 -40.79 -2.48 44.23
N CYS A 71 -40.26 -2.95 45.37
CA CYS A 71 -40.13 -2.16 46.59
C CYS A 71 -38.80 -2.43 47.29
N ALA A 72 -38.07 -1.37 47.60
CA ALA A 72 -36.79 -1.50 48.32
C ALA A 72 -36.23 -0.20 48.90
N ALA A 73 -35.03 -0.28 49.47
CA ALA A 73 -34.40 0.89 50.07
C ALA A 73 -34.37 2.00 49.03
N CYS A 74 -34.49 3.23 49.48
CA CYS A 74 -34.54 4.39 48.58
C CYS A 74 -33.46 4.34 47.50
N HIS A 75 -32.19 4.37 47.92
CA HIS A 75 -31.06 4.46 47.01
C HIS A 75 -30.85 3.18 46.18
N GLY A 76 -30.81 2.03 46.85
CA GLY A 76 -30.68 0.76 46.17
C GLY A 76 -31.80 0.58 45.16
N CYS A 77 -32.88 1.32 45.38
CA CYS A 77 -33.99 1.39 44.44
C CYS A 77 -33.71 2.36 43.30
N LEU A 78 -33.04 3.47 43.65
CA LEU A 78 -32.73 4.51 42.69
C LEU A 78 -31.73 4.03 41.65
N PHE A 79 -30.91 3.04 42.03
CA PHE A 79 -30.01 2.40 41.07
C PHE A 79 -30.77 1.80 39.89
N ILE A 80 -31.58 0.78 40.20
CA ILE A 80 -32.39 0.10 39.19
C ILE A 80 -33.30 1.10 38.48
N ALA A 81 -33.76 2.11 39.22
CA ALA A 81 -34.49 3.23 38.62
C ALA A 81 -33.64 3.87 37.53
N CYS A 82 -32.54 4.51 37.94
CA CYS A 82 -31.65 5.14 36.97
C CYS A 82 -30.28 4.49 36.93
N PHE A 83 -30.04 3.72 35.87
CA PHE A 83 -28.74 3.14 35.55
C PHE A 83 -28.47 3.45 34.09
N VAL A 84 -29.40 3.04 33.24
CA VAL A 84 -29.35 3.31 31.81
C VAL A 84 -29.10 4.80 31.57
N LEU A 85 -29.32 5.62 32.60
CA LEU A 85 -28.94 7.03 32.57
C LEU A 85 -27.44 7.22 32.26
N VAL A 86 -26.59 6.62 33.09
CA VAL A 86 -25.13 6.72 32.89
C VAL A 86 -24.68 6.10 31.57
N LEU A 87 -25.28 4.96 31.22
CA LEU A 87 -25.03 4.33 29.92
C LEU A 87 -25.30 5.33 28.81
N THR A 88 -26.55 5.80 28.70
CA THR A 88 -26.91 6.78 27.68
C THR A 88 -25.89 7.93 27.65
N GLN A 89 -25.55 8.44 28.83
CA GLN A 89 -24.60 9.56 28.91
C GLN A 89 -23.23 9.21 28.31
N SER A 90 -22.77 7.98 28.57
CA SER A 90 -21.49 7.50 28.09
C SER A 90 -21.54 7.33 26.57
N SER A 91 -22.69 6.87 26.09
CA SER A 91 -22.95 6.77 24.66
C SER A 91 -22.75 8.14 24.01
N ILE A 92 -23.33 9.16 24.63
CA ILE A 92 -23.16 10.54 24.14
C ILE A 92 -21.69 10.98 24.17
N PHE A 93 -21.04 10.76 25.30
CA PHE A 93 -19.64 11.13 25.46
C PHE A 93 -18.75 10.52 24.38
N SER A 94 -18.97 9.24 24.08
CA SER A 94 -18.21 8.58 23.04
C SER A 94 -18.56 9.14 21.67
N LEU A 95 -19.86 9.25 21.37
CA LEU A 95 -20.29 9.84 20.10
C LEU A 95 -19.54 11.13 19.84
N LEU A 96 -19.46 11.97 20.87
CA LEU A 96 -18.81 13.27 20.78
C LEU A 96 -17.30 13.15 20.59
N ALA A 97 -16.69 12.20 21.31
CA ALA A 97 -15.26 11.96 21.16
C ALA A 97 -14.93 11.58 19.72
N ILE A 98 -15.83 10.81 19.13
CA ILE A 98 -15.70 10.37 17.75
C ILE A 98 -15.89 11.53 16.77
N ALA A 99 -16.91 12.35 16.99
CA ALA A 99 -17.12 13.51 16.15
C ALA A 99 -15.88 14.39 16.17
N ILE A 100 -15.30 14.57 17.35
CA ILE A 100 -14.12 15.40 17.48
C ILE A 100 -12.91 14.77 16.80
N ASP A 101 -12.77 13.46 16.94
CA ASP A 101 -11.66 12.75 16.31
C ASP A 101 -11.71 12.86 14.79
N ARG A 102 -12.91 12.71 14.25
CA ARG A 102 -13.11 12.89 12.82
C ARG A 102 -12.83 14.33 12.46
N TYR A 103 -13.16 15.26 13.36
CA TYR A 103 -12.90 16.66 13.08
C TYR A 103 -11.41 16.97 12.98
N ILE A 104 -10.61 16.49 13.92
CA ILE A 104 -9.17 16.65 13.82
C ILE A 104 -8.68 15.99 12.54
N ALA A 105 -9.04 14.73 12.35
CA ALA A 105 -8.56 13.98 11.19
C ALA A 105 -8.81 14.72 9.88
N ILE A 106 -10.04 15.14 9.66
CA ILE A 106 -10.42 15.76 8.40
C ILE A 106 -10.09 17.25 8.24
N ARG A 107 -10.25 18.02 9.31
CA ARG A 107 -9.98 19.46 9.27
C ARG A 107 -8.51 19.84 9.46
N ILE A 108 -7.80 19.10 10.31
CA ILE A 108 -6.38 19.35 10.53
C ILE A 108 -5.56 18.06 10.46
N PRO A 109 -5.48 17.47 9.27
CA PRO A 109 -4.84 16.17 9.03
C PRO A 109 -3.35 16.14 9.34
N LEU A 110 -2.69 17.29 9.28
CA LEU A 110 -1.25 17.34 9.49
C LEU A 110 -0.85 17.18 10.97
N ARG A 111 -1.71 17.64 11.87
CA ARG A 111 -1.43 17.54 13.31
C ARG A 111 -2.12 16.35 14.01
N TYR A 112 -2.88 15.56 13.25
CA TYR A 112 -3.58 14.41 13.80
C TYR A 112 -2.60 13.34 14.31
N ASN A 113 -1.52 13.12 13.55
CA ASN A 113 -0.52 12.11 13.90
C ASN A 113 -0.14 12.18 15.37
N GLY A 114 0.53 13.27 15.74
CA GLY A 114 0.98 13.45 17.10
C GLY A 114 -0.14 13.82 18.05
N LEU A 115 -1.15 14.53 17.54
CA LEU A 115 -2.21 14.98 18.41
C LEU A 115 -3.04 13.83 18.98
N VAL A 116 -3.62 12.99 18.12
CA VAL A 116 -4.47 11.89 18.61
C VAL A 116 -3.73 10.57 18.81
N THR A 117 -3.68 10.11 20.06
CA THR A 117 -2.91 8.92 20.40
C THR A 117 -3.75 7.87 21.14
N GLY A 118 -3.22 6.65 21.21
CA GLY A 118 -3.91 5.57 21.87
C GLY A 118 -4.12 5.82 23.35
N THR A 119 -3.05 6.19 24.04
CA THR A 119 -3.08 6.41 25.48
C THR A 119 -4.01 7.56 25.87
N ARG A 120 -3.98 8.65 25.12
CA ARG A 120 -4.90 9.75 25.35
C ARG A 120 -6.34 9.29 25.18
N ALA A 121 -6.58 8.47 24.18
CA ALA A 121 -7.88 7.83 24.01
C ALA A 121 -8.26 7.13 25.31
N LYS A 122 -7.33 6.31 25.82
CA LYS A 122 -7.51 5.63 27.09
C LYS A 122 -8.04 6.62 28.13
N GLY A 123 -7.24 7.64 28.41
CA GLY A 123 -7.60 8.63 29.42
C GLY A 123 -8.98 9.24 29.26
N ILE A 124 -9.25 9.77 28.07
CA ILE A 124 -10.53 10.42 27.81
C ILE A 124 -11.68 9.45 28.04
N ILE A 125 -11.46 8.17 27.73
CA ILE A 125 -12.49 7.15 27.91
C ILE A 125 -12.75 6.87 29.39
N ALA A 126 -11.69 6.62 30.14
CA ALA A 126 -11.76 6.47 31.60
C ALA A 126 -12.53 7.63 32.24
N ILE A 127 -12.00 8.83 32.06
CA ILE A 127 -12.66 10.04 32.51
C ILE A 127 -14.13 9.99 32.17
N CYS A 128 -14.43 9.91 30.87
CA CYS A 128 -15.81 9.89 30.40
C CYS A 128 -16.71 8.88 31.11
N TRP A 129 -16.16 7.73 31.50
CA TRP A 129 -16.94 6.78 32.29
C TRP A 129 -17.21 7.33 33.68
N VAL A 130 -16.15 7.79 34.34
CA VAL A 130 -16.30 8.42 35.65
C VAL A 130 -17.43 9.43 35.60
N LEU A 131 -17.27 10.44 34.77
CA LEU A 131 -18.27 11.50 34.62
C LEU A 131 -19.64 10.97 34.21
N SER A 132 -19.64 9.87 33.45
CA SER A 132 -20.90 9.25 33.06
C SER A 132 -21.62 8.75 34.30
N PHE A 133 -20.85 8.36 35.31
CA PHE A 133 -21.42 7.97 36.60
C PHE A 133 -21.85 9.17 37.44
N ALA A 134 -20.89 10.04 37.76
CA ALA A 134 -21.15 11.21 38.56
C ALA A 134 -22.42 11.92 38.08
N ILE A 135 -22.52 12.11 36.76
CA ILE A 135 -23.72 12.70 36.18
C ILE A 135 -24.83 11.66 36.07
N GLY A 136 -24.45 10.45 35.69
CA GLY A 136 -25.42 9.41 35.34
C GLY A 136 -26.49 9.24 36.39
N LEU A 137 -26.09 8.99 37.62
CA LEU A 137 -27.06 8.95 38.69
C LEU A 137 -26.86 10.15 39.61
N THR A 138 -27.75 11.14 39.47
CA THR A 138 -27.78 12.27 40.38
C THR A 138 -28.29 11.86 41.77
N PRO A 139 -29.27 10.95 41.82
CA PRO A 139 -29.77 10.47 43.12
C PRO A 139 -28.69 9.98 44.07
N MET A 140 -27.76 9.16 43.57
CA MET A 140 -26.78 8.48 44.42
C MET A 140 -25.96 9.42 45.31
N LEU A 141 -25.78 10.65 44.86
CA LEU A 141 -24.91 11.60 45.56
C LEU A 141 -25.61 12.29 46.73
N GLY A 142 -26.87 11.96 46.95
CA GLY A 142 -27.61 12.53 48.07
C GLY A 142 -28.67 13.51 47.64
N TRP A 143 -28.59 13.95 46.37
CA TRP A 143 -29.64 14.75 45.79
C TRP A 143 -30.92 13.91 45.87
N ASN A 144 -31.99 14.46 46.46
CA ASN A 144 -33.08 13.61 46.98
C ASN A 144 -34.52 13.89 46.53
N ASN A 145 -35.13 12.92 45.85
CA ASN A 145 -36.59 12.93 45.70
C ASN A 145 -37.29 12.01 46.71
N CYS A 146 -36.52 11.30 47.53
CA CYS A 146 -37.12 10.48 48.59
C CYS A 146 -37.63 11.32 49.76
N GLY A 147 -38.22 10.68 50.76
CA GLY A 147 -38.72 11.41 51.92
C GLY A 147 -39.89 12.33 51.60
N GLN A 148 -40.36 12.25 50.36
CA GLN A 148 -41.49 13.04 49.90
C GLN A 148 -41.19 14.53 49.99
N SER A 156 -47.79 2.28 46.12
CA SER A 156 -48.10 1.46 47.29
C SER A 156 -47.67 2.18 48.57
N GLN A 157 -48.15 1.67 49.71
CA GLN A 157 -47.84 2.27 51.01
C GLN A 157 -47.26 1.24 51.97
N GLY A 158 -48.07 0.22 52.28
CA GLY A 158 -47.71 -0.80 53.25
C GLY A 158 -46.62 -1.73 52.75
N CYS A 159 -46.03 -1.36 51.62
CA CYS A 159 -44.95 -2.13 51.03
C CYS A 159 -43.94 -2.56 52.09
N GLY A 160 -43.27 -1.58 52.70
CA GLY A 160 -42.32 -1.85 53.77
C GLY A 160 -42.02 -0.66 54.64
N GLU A 161 -41.40 -0.92 55.79
CA GLU A 161 -40.95 0.13 56.70
C GLU A 161 -39.61 0.68 56.23
N GLY A 162 -38.57 -0.12 56.35
CA GLY A 162 -37.24 0.27 55.92
C GLY A 162 -37.07 0.12 54.43
N GLN A 163 -38.20 -0.06 53.73
CA GLN A 163 -38.18 -0.19 52.28
C GLN A 163 -39.24 0.69 51.62
N VAL A 164 -38.79 1.64 50.81
CA VAL A 164 -39.69 2.49 50.05
C VAL A 164 -39.63 2.14 48.58
N ALA A 165 -40.75 1.63 48.05
CA ALA A 165 -40.80 1.15 46.67
C ALA A 165 -40.27 2.20 45.71
N CYS A 166 -39.49 1.74 44.73
CA CYS A 166 -38.87 2.66 43.78
C CYS A 166 -39.41 2.45 42.37
N LEU A 167 -40.19 3.42 41.90
CA LEU A 167 -40.69 3.40 40.55
C LEU A 167 -40.33 4.72 39.88
N PHE A 168 -40.00 4.68 38.60
CA PHE A 168 -39.44 5.84 37.94
C PHE A 168 -40.27 7.11 38.15
N GLU A 169 -41.46 7.16 37.55
CA GLU A 169 -42.13 8.44 37.36
C GLU A 169 -42.14 9.34 38.60
N ASP A 170 -42.56 8.79 39.73
CA ASP A 170 -42.57 9.54 40.99
C ASP A 170 -41.23 9.56 41.74
N VAL A 171 -40.52 8.44 41.80
CA VAL A 171 -39.24 8.42 42.51
C VAL A 171 -38.13 8.99 41.64
N VAL A 172 -38.45 9.24 40.38
CA VAL A 172 -37.54 9.96 39.49
C VAL A 172 -38.07 11.36 39.24
N PRO A 173 -37.26 12.36 39.56
CA PRO A 173 -37.56 13.79 39.46
C PRO A 173 -37.63 14.19 38.01
N MET A 174 -38.69 14.91 37.62
CA MET A 174 -38.83 15.35 36.24
C MET A 174 -38.27 16.76 36.07
N ASN A 175 -37.87 17.37 37.19
CA ASN A 175 -37.22 18.67 37.15
C ASN A 175 -35.78 18.53 36.69
N TYR A 176 -35.34 17.29 36.55
CA TYR A 176 -34.00 16.98 36.06
C TYR A 176 -34.01 16.37 34.66
N MET A 177 -34.76 15.29 34.49
CA MET A 177 -34.92 14.66 33.19
C MET A 177 -35.11 15.72 32.12
N VAL A 178 -35.86 16.77 32.46
CA VAL A 178 -36.13 17.84 31.49
C VAL A 178 -35.15 19.02 31.60
N TYR A 179 -34.26 18.98 32.60
CA TYR A 179 -33.36 20.11 32.83
C TYR A 179 -31.87 19.73 32.83
N PHE A 180 -31.48 18.87 33.78
CA PHE A 180 -30.08 18.45 33.90
C PHE A 180 -29.75 17.26 33.01
N ASN A 181 -30.76 16.78 32.27
CA ASN A 181 -30.57 15.69 31.33
C ASN A 181 -30.83 16.16 29.90
N PHE A 182 -32.10 16.37 29.55
CA PHE A 182 -32.49 16.80 28.21
C PHE A 182 -31.81 18.11 27.82
N PHE A 183 -31.94 19.11 28.68
CA PHE A 183 -31.45 20.46 28.38
C PHE A 183 -29.92 20.58 28.46
N ALA A 184 -29.31 19.92 29.44
CA ALA A 184 -27.89 20.12 29.71
C ALA A 184 -26.99 19.02 29.10
N CYS A 185 -27.15 17.80 29.58
CA CYS A 185 -26.22 16.72 29.26
C CYS A 185 -26.55 15.92 27.99
N VAL A 186 -27.58 16.33 27.26
CA VAL A 186 -27.94 15.64 26.02
C VAL A 186 -28.06 16.58 24.82
N LEU A 187 -29.01 17.51 24.89
CA LEU A 187 -29.27 18.43 23.78
C LEU A 187 -28.03 19.24 23.38
N VAL A 188 -27.27 19.71 24.36
CA VAL A 188 -26.08 20.50 24.10
C VAL A 188 -24.99 19.71 23.35
N PRO A 189 -24.53 18.59 23.93
CA PRO A 189 -23.51 17.81 23.23
C PRO A 189 -24.01 17.39 21.85
N LEU A 190 -25.24 16.87 21.79
CA LEU A 190 -25.84 16.48 20.53
C LEU A 190 -25.78 17.63 19.53
N LEU A 191 -25.98 18.84 20.03
CA LEU A 191 -26.08 20.00 19.16
C LEU A 191 -24.73 20.49 18.63
N LEU A 192 -23.75 20.65 19.51
CA LEU A 192 -22.42 21.03 19.01
C LEU A 192 -21.79 19.89 18.21
N MET A 193 -22.38 18.70 18.35
CA MET A 193 -22.00 17.53 17.55
C MET A 193 -22.54 17.70 16.14
N LEU A 194 -23.83 18.05 16.04
CA LEU A 194 -24.42 18.40 14.75
C LEU A 194 -23.60 19.52 14.11
N GLY A 195 -23.09 20.41 14.94
CA GLY A 195 -22.28 21.53 14.48
C GLY A 195 -20.95 21.07 13.92
N VAL A 196 -20.18 20.32 14.71
CA VAL A 196 -18.87 19.84 14.27
C VAL A 196 -19.00 19.05 12.99
N TYR A 197 -20.04 18.21 12.93
CA TYR A 197 -20.26 17.41 11.74
C TYR A 197 -20.59 18.26 10.50
N LEU A 198 -21.55 19.18 10.62
CA LEU A 198 -21.89 20.02 9.49
C LEU A 198 -20.70 20.86 9.03
N ARG A 199 -19.85 21.23 9.99
CA ARG A 199 -18.64 22.00 9.69
C ARG A 199 -17.66 21.16 8.86
N ILE A 200 -17.43 19.93 9.30
CA ILE A 200 -16.63 19.00 8.53
C ILE A 200 -17.16 18.87 7.11
N PHE A 201 -18.46 18.62 6.97
CA PHE A 201 -19.06 18.39 5.67
C PHE A 201 -18.95 19.60 4.73
N LEU A 202 -19.40 20.75 5.20
CA LEU A 202 -19.35 21.97 4.39
C LEU A 202 -17.92 22.32 3.99
N ALA A 203 -16.99 22.19 4.95
CA ALA A 203 -15.59 22.50 4.69
C ALA A 203 -14.98 21.57 3.63
N ALA A 204 -15.23 20.27 3.79
CA ALA A 204 -14.75 19.28 2.82
C ALA A 204 -15.33 19.51 1.43
N ARG A 205 -16.62 19.83 1.34
CA ARG A 205 -17.22 20.18 0.05
C ARG A 205 -16.54 21.41 -0.55
N ARG A 206 -16.23 22.39 0.29
CA ARG A 206 -15.52 23.59 -0.16
C ARG A 206 -14.18 23.23 -0.80
N GLN A 207 -13.35 22.50 -0.07
CA GLN A 207 -12.02 22.19 -0.59
C GLN A 207 -12.01 21.15 -1.72
N LEU A 208 -13.06 20.36 -1.83
CA LEU A 208 -13.20 19.47 -2.98
C LEU A 208 -13.56 20.28 -4.23
N LYS A 209 -14.60 21.11 -4.08
CA LYS A 209 -15.01 22.01 -5.15
C LYS A 209 -13.82 22.84 -5.60
N GLN A 210 -12.93 23.15 -4.67
CA GLN A 210 -11.72 23.91 -4.97
C GLN A 210 -10.68 23.06 -5.72
N MET A 211 -10.38 21.88 -5.20
CA MET A 211 -9.45 20.97 -5.88
C MET A 211 -9.87 20.76 -7.33
N GLU A 212 -11.17 20.79 -7.58
CA GLU A 212 -11.68 20.60 -8.93
C GLU A 212 -11.21 21.68 -9.92
N SER A 213 -11.18 22.93 -9.47
CA SER A 213 -10.83 24.06 -10.35
C SER A 213 -9.33 24.13 -10.61
N GLN A 214 -8.58 23.37 -9.83
CA GLN A 214 -7.11 23.33 -9.90
C GLN A 214 -6.60 21.89 -9.97
N PRO A 215 -6.31 21.39 -11.20
CA PRO A 215 -6.03 19.96 -11.39
C PRO A 215 -4.98 19.49 -10.38
N LEU A 216 -5.23 18.33 -9.80
CA LEU A 216 -4.44 17.76 -8.71
C LEU A 216 -3.03 17.43 -9.18
N PRO A 217 -2.11 17.12 -8.23
CA PRO A 217 -2.31 17.00 -6.79
C PRO A 217 -2.09 18.32 -6.06
N GLY A 218 -3.08 19.22 -6.10
CA GLY A 218 -2.90 20.54 -5.52
C GLY A 218 -2.37 20.51 -4.09
N GLU A 219 -3.05 19.80 -3.21
CA GLU A 219 -2.59 19.65 -1.83
C GLU A 219 -2.63 18.20 -1.36
N ARG A 220 -3.84 17.66 -1.19
CA ARG A 220 -4.00 16.26 -0.84
C ARG A 220 -4.96 15.59 -1.82
N ALA A 221 -4.97 14.27 -1.83
CA ALA A 221 -5.80 13.52 -2.75
C ALA A 221 -7.28 13.80 -2.52
N ARG A 222 -8.03 13.99 -3.60
CA ARG A 222 -9.47 14.18 -3.51
C ARG A 222 -10.14 12.89 -3.09
N SER A 223 -9.79 11.79 -3.76
CA SER A 223 -10.36 10.49 -3.45
C SER A 223 -10.31 10.19 -1.96
N THR A 224 -9.14 10.40 -1.36
CA THR A 224 -8.95 10.19 0.07
C THR A 224 -9.95 11.02 0.86
N LEU A 225 -9.97 12.31 0.58
CA LEU A 225 -10.90 13.21 1.26
C LEU A 225 -12.30 12.65 1.21
N GLN A 226 -12.85 12.52 0.02
CA GLN A 226 -14.19 11.96 -0.17
C GLN A 226 -14.40 10.69 0.65
N LYS A 227 -13.39 9.83 0.69
CA LYS A 227 -13.53 8.57 1.43
C LYS A 227 -13.69 8.77 2.95
N GLU A 228 -12.77 9.52 3.55
CA GLU A 228 -12.89 9.75 4.98
C GLU A 228 -14.13 10.61 5.36
N VAL A 229 -14.61 11.41 4.41
CA VAL A 229 -15.83 12.18 4.62
C VAL A 229 -17.08 11.30 4.56
N HIS A 230 -17.10 10.35 3.62
CA HIS A 230 -18.17 9.36 3.58
C HIS A 230 -18.20 8.58 4.88
N ALA A 231 -17.03 8.21 5.36
CA ALA A 231 -16.92 7.52 6.64
C ALA A 231 -17.46 8.38 7.78
N ALA A 232 -17.16 9.68 7.74
CA ALA A 232 -17.65 10.60 8.76
C ALA A 232 -19.18 10.66 8.73
N LYS A 233 -19.76 10.69 7.54
CA LYS A 233 -21.22 10.68 7.43
C LYS A 233 -21.80 9.40 8.01
N SER A 234 -21.18 8.27 7.70
CA SER A 234 -21.61 7.01 8.29
C SER A 234 -21.59 7.09 9.82
N LEU A 235 -20.55 7.70 10.38
CA LEU A 235 -20.46 7.86 11.83
C LEU A 235 -21.50 8.85 12.41
N ALA A 236 -21.85 9.87 11.64
CA ALA A 236 -22.80 10.88 12.08
C ALA A 236 -24.24 10.37 12.01
N ILE A 237 -24.48 9.39 11.14
CA ILE A 237 -25.77 8.74 11.09
C ILE A 237 -26.09 8.06 12.42
N ILE A 238 -25.08 7.46 13.04
CA ILE A 238 -25.24 6.89 14.39
C ILE A 238 -25.82 7.91 15.36
N VAL A 239 -25.26 9.11 15.35
CA VAL A 239 -25.75 10.21 16.16
C VAL A 239 -27.21 10.50 15.82
N GLY A 240 -27.47 10.70 14.53
CA GLY A 240 -28.82 10.97 14.07
C GLY A 240 -29.86 9.98 14.61
N LEU A 241 -29.51 8.70 14.61
CA LEU A 241 -30.41 7.67 15.11
C LEU A 241 -30.52 7.68 16.64
N PHE A 242 -29.41 7.96 17.31
CA PHE A 242 -29.45 8.16 18.75
C PHE A 242 -30.53 9.21 19.08
N ALA A 243 -30.41 10.36 18.43
CA ALA A 243 -31.38 11.44 18.59
C ALA A 243 -32.79 10.97 18.28
N LEU A 244 -32.98 10.36 17.12
CA LEU A 244 -34.30 9.85 16.74
C LEU A 244 -34.80 8.90 17.80
N CYS A 245 -33.89 8.39 18.62
CA CYS A 245 -34.27 7.49 19.70
C CYS A 245 -34.72 8.21 20.97
N TRP A 246 -33.79 8.85 21.66
CA TRP A 246 -34.13 9.44 22.95
C TRP A 246 -34.98 10.72 22.85
N LEU A 247 -35.13 11.22 21.63
CA LEU A 247 -35.88 12.45 21.41
C LEU A 247 -37.37 12.34 21.76
N PRO A 248 -38.05 11.28 21.29
CA PRO A 248 -39.46 11.12 21.66
C PRO A 248 -39.68 11.09 23.17
N LEU A 249 -38.86 10.30 23.87
CA LEU A 249 -38.98 10.21 25.32
C LEU A 249 -38.78 11.57 25.98
N HIS A 250 -37.73 12.27 25.57
CA HIS A 250 -37.45 13.58 26.15
C HIS A 250 -38.50 14.63 25.77
N ILE A 251 -39.24 14.39 24.69
CA ILE A 251 -40.34 15.26 24.32
C ILE A 251 -41.50 15.02 25.28
N ILE A 252 -41.85 13.74 25.45
CA ILE A 252 -42.84 13.33 26.42
C ILE A 252 -42.57 13.95 27.79
N ASN A 253 -41.48 13.54 28.41
CA ASN A 253 -41.10 14.13 29.70
C ASN A 253 -41.07 15.64 29.61
N CYS A 254 -40.63 16.13 28.46
CA CYS A 254 -40.40 17.54 28.26
C CYS A 254 -41.66 18.37 28.53
N PHE A 255 -42.72 18.12 27.76
CA PHE A 255 -43.99 18.87 27.88
C PHE A 255 -44.90 18.36 29.00
N THR A 256 -44.70 17.11 29.43
CA THR A 256 -45.42 16.58 30.57
C THR A 256 -44.96 17.30 31.83
N PHE A 257 -43.70 17.72 31.81
CA PHE A 257 -43.11 18.42 32.95
C PHE A 257 -43.46 19.91 33.01
N PHE A 258 -43.45 20.59 31.87
CA PHE A 258 -43.73 22.03 31.83
C PHE A 258 -45.20 22.31 32.11
N CYS A 259 -46.00 21.26 32.09
CA CYS A 259 -47.37 21.32 32.52
C CYS A 259 -47.60 20.18 33.51
N PRO A 260 -46.91 20.22 34.66
CA PRO A 260 -46.99 19.08 35.59
C PRO A 260 -48.42 18.87 36.03
N ASP A 261 -49.10 19.97 36.33
CA ASP A 261 -50.50 19.95 36.72
C ASP A 261 -51.39 20.06 35.49
N CYS A 262 -50.77 20.04 34.31
CA CYS A 262 -51.47 19.81 33.06
C CYS A 262 -51.46 18.31 32.76
N SER A 263 -51.82 17.92 31.55
CA SER A 263 -52.11 16.52 31.23
C SER A 263 -50.86 15.60 31.26
N HIS A 264 -51.06 14.33 30.95
CA HIS A 264 -49.96 13.35 30.92
C HIS A 264 -50.08 12.38 29.75
N ALA A 265 -49.06 11.54 29.58
CA ALA A 265 -49.01 10.55 28.50
C ALA A 265 -49.56 9.17 28.89
N PRO A 266 -50.16 8.48 27.91
CA PRO A 266 -50.80 7.16 28.03
C PRO A 266 -49.85 6.02 28.43
N LEU A 267 -50.41 4.81 28.49
CA LEU A 267 -49.62 3.59 28.62
C LEU A 267 -49.13 3.18 27.23
N TRP A 268 -50.03 3.29 26.26
CA TRP A 268 -49.85 2.73 24.91
C TRP A 268 -48.97 3.61 24.02
N LEU A 269 -48.52 4.74 24.57
CA LEU A 269 -47.56 5.60 23.90
C LEU A 269 -46.31 5.65 24.77
N MET A 270 -46.50 6.12 26.01
CA MET A 270 -45.41 6.25 26.97
C MET A 270 -44.56 4.99 27.09
N TYR A 271 -45.16 3.83 26.83
CA TYR A 271 -44.39 2.59 26.94
C TYR A 271 -43.57 2.31 25.69
N LEU A 272 -43.62 3.24 24.73
CA LEU A 272 -42.74 3.20 23.57
C LEU A 272 -41.37 3.78 23.87
N ALA A 273 -41.32 5.06 24.23
CA ALA A 273 -40.05 5.78 24.37
C ALA A 273 -39.01 4.97 25.15
N ILE A 274 -39.49 4.18 26.11
CA ILE A 274 -38.64 3.24 26.82
C ILE A 274 -38.09 2.14 25.88
N VAL A 275 -39.01 1.44 25.20
CA VAL A 275 -38.65 0.45 24.18
C VAL A 275 -37.68 0.99 23.14
N LEU A 276 -38.06 2.12 22.55
CA LEU A 276 -37.31 2.82 21.52
C LEU A 276 -35.90 3.15 21.98
N SER A 277 -35.79 3.98 23.02
CA SER A 277 -34.49 4.33 23.56
C SER A 277 -33.71 3.05 23.86
N HIS A 278 -34.42 1.97 24.19
CA HIS A 278 -33.77 0.68 24.42
C HIS A 278 -33.33 0.03 23.11
N THR A 279 -33.92 0.48 22.01
CA THR A 279 -33.62 -0.01 20.67
C THR A 279 -32.35 0.65 20.15
N ASN A 280 -32.05 1.82 20.70
CA ASN A 280 -30.89 2.61 20.27
C ASN A 280 -29.60 1.80 20.30
N SER A 281 -29.54 0.81 21.21
CA SER A 281 -28.34 0.02 21.36
C SER A 281 -28.31 -1.25 20.49
N VAL A 282 -29.44 -1.55 19.84
CA VAL A 282 -29.52 -2.68 18.91
C VAL A 282 -28.97 -2.40 17.50
N VAL A 283 -29.20 -1.17 16.99
CA VAL A 283 -28.99 -0.87 15.57
C VAL A 283 -27.53 -0.65 15.13
N ASN A 284 -26.68 -0.22 16.06
CA ASN A 284 -25.30 0.14 15.72
C ASN A 284 -24.57 -0.89 14.84
N PRO A 285 -24.50 -2.15 15.30
CA PRO A 285 -23.89 -3.20 14.47
C PRO A 285 -24.49 -3.30 13.06
N PHE A 286 -25.80 -3.08 12.95
CA PHE A 286 -26.44 -3.13 11.64
C PHE A 286 -26.01 -1.94 10.77
N ILE A 287 -26.00 -0.76 11.36
CA ILE A 287 -25.48 0.41 10.65
C ILE A 287 -24.02 0.20 10.17
N TYR A 288 -23.19 -0.40 11.01
CA TYR A 288 -21.82 -0.71 10.62
C TYR A 288 -21.82 -1.65 9.43
N ALA A 289 -22.49 -2.78 9.57
CA ALA A 289 -22.56 -3.77 8.51
C ALA A 289 -22.98 -3.13 7.19
N TYR A 290 -23.97 -2.24 7.26
CA TYR A 290 -24.48 -1.56 6.08
C TYR A 290 -23.54 -0.52 5.47
N ARG A 291 -23.05 0.40 6.30
CA ARG A 291 -22.26 1.53 5.82
C ARG A 291 -20.73 1.36 5.75
N ILE A 292 -20.19 0.33 6.39
CA ILE A 292 -18.73 0.20 6.53
C ILE A 292 -18.17 -1.15 6.13
N ARG A 293 -17.31 -1.14 5.12
CA ARG A 293 -16.80 -2.37 4.53
C ARG A 293 -15.92 -3.20 5.46
N GLU A 294 -15.14 -2.54 6.33
CA GLU A 294 -14.21 -3.26 7.20
C GLU A 294 -14.94 -4.10 8.25
N PHE A 295 -15.89 -3.47 8.93
CA PHE A 295 -16.74 -4.18 9.88
C PHE A 295 -17.49 -5.29 9.15
N ARG A 296 -18.25 -4.93 8.12
CA ARG A 296 -19.04 -5.90 7.37
C ARG A 296 -18.24 -7.13 7.00
N GLN A 297 -17.05 -6.91 6.49
CA GLN A 297 -16.18 -8.03 6.12
C GLN A 297 -15.71 -8.83 7.33
N THR A 298 -15.54 -8.16 8.47
CA THR A 298 -15.09 -8.86 9.68
C THR A 298 -16.21 -9.67 10.33
N PHE A 299 -17.38 -9.08 10.47
CA PHE A 299 -18.58 -9.76 10.92
C PHE A 299 -18.77 -10.97 10.03
N ARG A 300 -18.75 -10.74 8.72
CA ARG A 300 -18.84 -11.81 7.74
C ARG A 300 -17.79 -12.90 8.01
N LYS A 301 -16.59 -12.51 8.42
CA LYS A 301 -15.53 -13.49 8.65
C LYS A 301 -15.75 -14.31 9.92
N ILE A 302 -16.09 -13.60 11.00
CA ILE A 302 -16.37 -14.19 12.30
C ILE A 302 -17.53 -15.17 12.25
N ILE A 303 -18.60 -14.76 11.56
CA ILE A 303 -19.81 -15.56 11.44
C ILE A 303 -19.63 -16.71 10.47
N ARG A 304 -19.10 -16.41 9.28
CA ARG A 304 -18.86 -17.43 8.26
C ARG A 304 -17.82 -18.45 8.75
N SER A 305 -17.04 -18.08 9.75
CA SER A 305 -16.09 -18.98 10.38
C SER A 305 -16.73 -19.78 11.52
N HIS A 306 -17.05 -19.09 12.60
CA HIS A 306 -17.50 -19.72 13.84
C HIS A 306 -18.92 -20.31 13.80
N VAL A 307 -19.62 -20.11 12.68
CA VAL A 307 -20.85 -20.84 12.43
C VAL A 307 -20.51 -22.28 12.00
N LEU A 308 -19.77 -22.40 10.90
CA LEU A 308 -19.43 -23.72 10.35
C LEU A 308 -18.29 -24.42 11.10
N ARG A 309 -17.79 -23.76 12.15
CA ARG A 309 -16.87 -24.43 13.07
C ARG A 309 -17.65 -25.36 13.99
N ASP B 1 5.42 -14.83 8.25
CA ASP B 1 4.73 -13.57 7.99
C ASP B 1 3.87 -13.72 6.74
N ILE B 2 2.86 -12.87 6.60
CA ILE B 2 1.96 -12.91 5.46
C ILE B 2 2.70 -12.81 4.13
N VAL B 3 2.34 -13.67 3.18
CA VAL B 3 3.06 -13.77 1.90
C VAL B 3 2.17 -13.51 0.68
N MET B 4 2.59 -12.57 -0.18
CA MET B 4 1.85 -12.29 -1.40
C MET B 4 2.38 -13.13 -2.56
N THR B 5 1.48 -13.63 -3.39
CA THR B 5 1.87 -14.43 -4.54
C THR B 5 1.13 -13.95 -5.78
N GLN B 6 1.86 -13.38 -6.72
CA GLN B 6 1.24 -12.68 -7.83
C GLN B 6 1.42 -13.46 -9.14
N SER B 7 0.40 -13.47 -9.97
CA SER B 7 0.50 -14.13 -11.27
C SER B 7 -0.36 -13.44 -12.31
N PRO B 8 0.00 -13.58 -13.59
CA PRO B 8 1.20 -14.29 -14.02
C PRO B 8 2.47 -13.46 -13.81
N ALA B 9 3.64 -14.10 -13.83
CA ALA B 9 4.89 -13.36 -13.65
C ALA B 9 5.17 -12.43 -14.83
N SER B 10 4.71 -12.83 -16.01
CA SER B 10 4.82 -11.98 -17.20
C SER B 10 3.69 -12.27 -18.20
N LEU B 11 3.20 -11.21 -18.81
CA LEU B 11 2.09 -11.32 -19.72
C LEU B 11 2.30 -10.36 -20.87
N SER B 12 2.12 -10.83 -22.10
CA SER B 12 2.24 -9.95 -23.25
C SER B 12 0.85 -9.76 -23.83
N ALA B 13 0.58 -8.56 -24.31
CA ALA B 13 -0.76 -8.21 -24.72
C ALA B 13 -0.72 -7.05 -25.70
N SER B 14 -1.80 -6.85 -26.44
CA SER B 14 -1.84 -5.84 -27.48
C SER B 14 -2.67 -4.66 -27.03
N VAL B 15 -2.31 -3.47 -27.51
CA VAL B 15 -3.11 -2.28 -27.24
C VAL B 15 -4.56 -2.57 -27.58
N GLY B 16 -5.44 -2.26 -26.64
CA GLY B 16 -6.86 -2.35 -26.91
C GLY B 16 -7.54 -3.56 -26.30
N ASP B 17 -6.79 -4.59 -25.92
CA ASP B 17 -7.42 -5.74 -25.30
C ASP B 17 -7.40 -5.67 -23.76
N THR B 18 -8.06 -6.62 -23.09
CA THR B 18 -8.24 -6.58 -21.64
C THR B 18 -7.34 -7.55 -20.89
N VAL B 19 -6.79 -7.09 -19.76
CA VAL B 19 -5.84 -7.88 -19.00
C VAL B 19 -6.20 -7.94 -17.52
N THR B 20 -5.90 -9.06 -16.89
CA THR B 20 -6.13 -9.23 -15.45
C THR B 20 -4.92 -9.81 -14.71
N ILE B 21 -4.57 -9.17 -13.60
CA ILE B 21 -3.49 -9.60 -12.74
C ILE B 21 -4.07 -10.10 -11.41
N THR B 22 -3.47 -11.15 -10.86
CA THR B 22 -3.93 -11.73 -9.61
C THR B 22 -2.90 -11.66 -8.48
N CYS B 23 -3.33 -11.24 -7.29
CA CYS B 23 -2.53 -11.34 -6.07
C CYS B 23 -3.23 -12.31 -5.13
N ARG B 24 -2.46 -13.21 -4.50
CA ARG B 24 -3.01 -14.11 -3.49
C ARG B 24 -2.22 -14.08 -2.18
N ALA B 25 -2.90 -13.73 -1.10
CA ALA B 25 -2.30 -13.64 0.24
C ALA B 25 -2.35 -14.94 1.04
N SER B 26 -1.30 -15.20 1.82
CA SER B 26 -1.20 -16.42 2.62
C SER B 26 -2.06 -16.36 3.88
N GLU B 27 -2.69 -15.21 4.13
CA GLU B 27 -3.57 -15.01 5.27
C GLU B 27 -4.70 -14.06 4.90
N PHE B 28 -5.47 -13.60 5.87
CA PHE B 28 -6.62 -12.77 5.58
C PHE B 28 -6.27 -11.31 5.83
N ILE B 29 -6.10 -10.56 4.74
CA ILE B 29 -5.78 -9.15 4.83
C ILE B 29 -7.01 -8.28 4.61
N TYR B 30 -8.16 -8.91 4.41
CA TYR B 30 -9.40 -8.19 4.19
C TYR B 30 -9.34 -7.36 2.90
N SER B 31 -9.53 -6.05 3.02
CA SER B 31 -9.35 -5.16 1.87
C SER B 31 -8.01 -4.40 1.79
N SER B 32 -7.05 -4.67 2.66
CA SER B 32 -5.93 -3.75 2.65
C SER B 32 -4.84 -4.31 1.77
N LEU B 33 -4.89 -3.83 0.53
CA LEU B 33 -4.01 -4.26 -0.54
C LEU B 33 -3.84 -3.09 -1.51
N THR B 34 -2.60 -2.90 -1.97
CA THR B 34 -2.24 -1.79 -2.82
C THR B 34 -1.62 -2.30 -4.10
N TRP B 35 -1.95 -1.63 -5.21
CA TRP B 35 -1.33 -1.89 -6.48
C TRP B 35 -0.47 -0.69 -6.88
N TYR B 36 0.79 -0.99 -7.24
CA TYR B 36 1.74 -0.02 -7.78
C TYR B 36 2.08 -0.33 -9.24
N GLN B 37 2.31 0.73 -10.01
CA GLN B 37 2.79 0.60 -11.40
C GLN B 37 4.20 1.18 -11.55
N GLN B 38 5.12 0.34 -12.04
CA GLN B 38 6.49 0.76 -12.32
C GLN B 38 6.78 0.66 -13.82
N LYS B 39 7.15 1.79 -14.41
CA LYS B 39 7.60 1.85 -15.80
C LYS B 39 9.11 1.73 -15.85
N GLN B 40 9.65 1.15 -16.91
CA GLN B 40 11.08 0.91 -16.97
C GLN B 40 11.87 2.15 -16.57
N GLY B 41 12.79 1.97 -15.62
CA GLY B 41 13.64 3.04 -15.14
C GLY B 41 12.94 4.03 -14.23
N GLY B 42 11.68 3.73 -13.91
CA GLY B 42 10.89 4.60 -13.08
C GLY B 42 10.81 4.09 -11.66
N SER B 43 10.00 4.74 -10.85
CA SER B 43 9.77 4.35 -9.47
C SER B 43 8.34 3.88 -9.36
N PRO B 44 8.09 2.90 -8.49
CA PRO B 44 6.70 2.44 -8.33
C PRO B 44 5.79 3.64 -8.11
N GLN B 45 4.63 3.62 -8.77
CA GLN B 45 3.64 4.66 -8.59
C GLN B 45 2.35 4.07 -8.03
N LEU B 46 1.68 4.79 -7.13
CA LEU B 46 0.44 4.30 -6.55
C LEU B 46 -0.65 4.21 -7.62
N LEU B 47 -1.33 3.07 -7.66
CA LEU B 47 -2.34 2.81 -8.67
C LEU B 47 -3.68 2.55 -7.99
N VAL B 48 -3.72 1.51 -7.16
CA VAL B 48 -4.92 1.26 -6.37
C VAL B 48 -4.62 1.13 -4.87
N TYR B 49 -5.51 1.63 -4.03
CA TYR B 49 -5.39 1.44 -2.59
C TYR B 49 -6.71 0.96 -2.00
N ALA B 50 -6.63 0.27 -0.85
CA ALA B 50 -7.83 -0.32 -0.23
C ALA B 50 -8.46 -1.34 -1.18
N ALA B 51 -7.63 -1.82 -2.10
CA ALA B 51 -7.91 -2.89 -3.03
C ALA B 51 -8.87 -2.51 -4.16
N THR B 52 -9.78 -1.57 -3.88
CA THR B 52 -10.75 -1.12 -4.88
C THR B 52 -10.63 0.33 -5.36
N ASN B 53 -9.71 1.08 -4.76
CA ASN B 53 -9.74 2.54 -4.90
C ASN B 53 -8.68 3.15 -5.80
N LEU B 54 -9.14 3.76 -6.91
CA LEU B 54 -8.24 4.39 -7.87
C LEU B 54 -7.58 5.62 -7.28
N ALA B 55 -6.26 5.74 -7.48
CA ALA B 55 -5.55 6.92 -7.02
C ALA B 55 -5.95 8.13 -7.87
N ASP B 56 -5.44 9.31 -7.54
CA ASP B 56 -5.84 10.51 -8.25
C ASP B 56 -5.28 10.51 -9.66
N ALA B 57 -6.16 10.73 -10.64
CA ALA B 57 -5.77 10.83 -12.05
C ALA B 57 -5.50 9.51 -12.76
N VAL B 58 -5.61 8.38 -12.04
CA VAL B 58 -5.56 7.08 -12.70
C VAL B 58 -6.85 6.94 -13.51
N PRO B 59 -6.73 6.59 -14.80
CA PRO B 59 -7.86 6.42 -15.72
C PRO B 59 -8.87 5.34 -15.30
N SER B 60 -10.15 5.63 -15.52
CA SER B 60 -11.22 4.74 -15.10
C SER B 60 -11.06 3.32 -15.69
N ARG B 61 -10.27 3.17 -16.73
CA ARG B 61 -10.11 1.86 -17.32
C ARG B 61 -9.40 0.88 -16.37
N PHE B 62 -8.84 1.40 -15.28
CA PHE B 62 -8.24 0.55 -14.25
C PHE B 62 -9.28 0.16 -13.19
N SER B 63 -9.24 -1.08 -12.75
CA SER B 63 -10.15 -1.50 -11.70
C SER B 63 -9.52 -2.50 -10.72
N GLY B 64 -9.63 -2.24 -9.43
CA GLY B 64 -9.17 -3.21 -8.44
C GLY B 64 -10.35 -3.99 -7.89
N SER B 65 -10.08 -5.14 -7.30
CA SER B 65 -11.15 -5.96 -6.75
C SER B 65 -10.64 -7.18 -5.99
N GLY B 66 -11.55 -7.82 -5.26
CA GLY B 66 -11.18 -8.92 -4.37
C GLY B 66 -11.24 -8.51 -2.90
N SER B 67 -10.94 -9.45 -2.03
CA SER B 67 -10.96 -9.22 -0.59
C SER B 67 -10.44 -10.46 0.11
N GLY B 68 -10.22 -10.38 1.42
CA GLY B 68 -9.71 -11.52 2.13
C GLY B 68 -8.33 -11.89 1.63
N THR B 69 -8.23 -13.09 1.09
CA THR B 69 -6.98 -13.58 0.55
C THR B 69 -6.82 -13.43 -0.98
N GLN B 70 -7.84 -12.93 -1.67
CA GLN B 70 -7.79 -12.99 -3.14
C GLN B 70 -8.08 -11.66 -3.85
N PHE B 71 -7.17 -11.21 -4.71
CA PHE B 71 -7.31 -9.88 -5.32
C PHE B 71 -6.94 -9.88 -6.79
N SER B 72 -7.51 -8.95 -7.54
CA SER B 72 -7.20 -8.80 -8.96
C SER B 72 -7.20 -7.32 -9.38
N LEU B 73 -6.24 -6.97 -10.23
CA LEU B 73 -6.26 -5.68 -10.91
C LEU B 73 -6.58 -5.93 -12.37
N LYS B 74 -7.46 -5.12 -12.94
CA LYS B 74 -7.86 -5.33 -14.32
C LYS B 74 -7.78 -4.04 -15.15
N ILE B 75 -7.20 -4.15 -16.34
CA ILE B 75 -7.10 -3.02 -17.26
C ILE B 75 -7.92 -3.33 -18.50
N ASN B 76 -8.76 -2.38 -18.89
CA ASN B 76 -9.81 -2.71 -19.84
C ASN B 76 -9.41 -2.63 -21.28
N ARG B 77 -9.36 -1.42 -21.83
CA ARG B 77 -8.91 -1.32 -23.20
C ARG B 77 -7.50 -0.83 -23.10
N LEU B 78 -6.56 -1.74 -23.27
CA LEU B 78 -5.17 -1.41 -23.01
C LEU B 78 -4.73 -0.22 -23.85
N GLN B 79 -3.93 0.62 -23.22
CA GLN B 79 -3.33 1.76 -23.89
C GLN B 79 -1.80 1.59 -23.84
N PRO B 80 -1.08 2.23 -24.76
CA PRO B 80 0.36 2.01 -24.81
C PRO B 80 1.04 2.48 -23.53
N GLU B 81 0.48 3.52 -22.92
CA GLU B 81 1.00 4.04 -21.66
C GLU B 81 0.86 3.04 -20.50
N ASP B 82 0.18 1.92 -20.73
CA ASP B 82 -0.12 0.96 -19.66
C ASP B 82 0.88 -0.19 -19.51
N PHE B 83 1.89 -0.25 -20.36
CA PHE B 83 2.86 -1.33 -20.28
C PHE B 83 3.93 -1.04 -19.25
N GLY B 84 4.25 -2.06 -18.45
CA GLY B 84 5.19 -1.91 -17.34
C GLY B 84 5.08 -3.10 -16.42
N THR B 85 5.63 -2.98 -15.21
CA THR B 85 5.46 -4.00 -14.19
C THR B 85 4.51 -3.53 -13.09
N TYR B 86 3.67 -4.44 -12.61
CA TYR B 86 2.69 -4.13 -11.56
C TYR B 86 2.98 -4.92 -10.31
N TYR B 87 2.75 -4.30 -9.16
CA TYR B 87 3.04 -4.95 -7.89
C TYR B 87 1.87 -4.83 -6.94
N CYS B 88 1.67 -5.87 -6.13
CA CYS B 88 0.74 -5.80 -5.02
C CYS B 88 1.54 -5.69 -3.72
N GLN B 89 0.96 -4.99 -2.74
CA GLN B 89 1.51 -4.90 -1.40
C GLN B 89 0.38 -5.02 -0.39
N HIS B 90 0.54 -5.86 0.64
CA HIS B 90 -0.45 -5.85 1.73
C HIS B 90 0.04 -4.87 2.77
N PHE B 91 -0.90 -4.11 3.33
CA PHE B 91 -0.67 -3.25 4.49
C PHE B 91 -1.17 -3.84 5.80
N TYR B 92 -1.59 -5.10 5.77
CA TYR B 92 -2.12 -5.75 6.96
C TYR B 92 -1.05 -6.12 7.99
N GLY B 93 -1.27 -5.67 9.22
CA GLY B 93 -0.38 -6.02 10.31
C GLY B 93 0.69 -4.97 10.54
N SER B 94 1.74 -5.38 11.25
CA SER B 94 2.87 -4.50 11.52
C SER B 94 4.00 -4.67 10.50
N THR B 95 3.94 -5.73 9.70
CA THR B 95 5.01 -6.01 8.75
C THR B 95 4.48 -6.37 7.36
N TRP B 96 5.05 -5.77 6.33
CA TRP B 96 4.41 -5.74 5.03
C TRP B 96 5.25 -6.42 3.98
N ALA B 97 4.61 -6.75 2.86
CA ALA B 97 5.32 -7.47 1.80
C ALA B 97 4.69 -7.28 0.41
N PHE B 98 5.50 -7.48 -0.61
CA PHE B 98 5.14 -7.17 -1.98
C PHE B 98 4.93 -8.44 -2.75
N GLY B 99 4.10 -8.36 -3.78
CA GLY B 99 4.05 -9.43 -4.77
C GLY B 99 5.33 -9.43 -5.59
N GLY B 100 5.56 -10.51 -6.32
CA GLY B 100 6.76 -10.64 -7.14
C GLY B 100 6.73 -9.78 -8.40
N GLY B 101 5.56 -9.27 -8.73
CA GLY B 101 5.41 -8.37 -9.86
C GLY B 101 4.85 -9.11 -11.05
N THR B 102 4.13 -8.36 -11.90
CA THR B 102 3.69 -8.83 -13.21
C THR B 102 4.28 -7.90 -14.28
N LYS B 103 5.11 -8.43 -15.17
CA LYS B 103 5.64 -7.62 -16.27
C LYS B 103 4.72 -7.67 -17.50
N LEU B 104 4.18 -6.52 -17.88
CA LEU B 104 3.25 -6.44 -19.01
C LEU B 104 3.96 -5.94 -20.27
N GLU B 105 4.15 -6.84 -21.23
CA GLU B 105 4.94 -6.58 -22.44
C GLU B 105 4.07 -6.51 -23.69
N ILE B 106 4.51 -5.74 -24.69
CA ILE B 106 3.79 -5.60 -25.96
C ILE B 106 3.90 -6.85 -26.82
N LYS B 107 2.77 -7.30 -27.36
CA LYS B 107 2.76 -8.40 -28.31
C LYS B 107 2.87 -7.80 -29.69
N ARG B 108 3.78 -8.34 -30.48
CA ARG B 108 3.93 -7.97 -31.89
C ARG B 108 4.07 -9.25 -32.71
N ALA B 109 4.25 -9.07 -34.01
CA ALA B 109 4.35 -10.22 -34.92
C ALA B 109 5.68 -10.94 -34.72
N ASP B 110 5.65 -12.26 -34.83
CA ASP B 110 6.87 -13.04 -34.70
C ASP B 110 7.91 -12.52 -35.67
N ALA B 111 9.17 -12.63 -35.29
CA ALA B 111 10.27 -12.17 -36.12
C ALA B 111 11.46 -13.10 -35.93
N ALA B 112 12.17 -13.36 -37.02
CA ALA B 112 13.36 -14.20 -36.99
C ALA B 112 14.59 -13.38 -36.64
N PRO B 113 15.48 -13.95 -35.82
CA PRO B 113 16.71 -13.26 -35.46
C PRO B 113 17.63 -13.13 -36.66
N THR B 114 18.35 -12.02 -36.72
CA THR B 114 19.47 -11.89 -37.64
C THR B 114 20.70 -12.32 -36.85
N VAL B 115 21.39 -13.36 -37.30
CA VAL B 115 22.46 -13.93 -36.50
C VAL B 115 23.80 -13.73 -37.16
N SER B 116 24.73 -13.13 -36.45
CA SER B 116 26.09 -12.96 -36.97
C SER B 116 27.19 -13.25 -35.97
N ILE B 117 28.23 -13.93 -36.43
CA ILE B 117 29.31 -14.35 -35.55
C ILE B 117 30.65 -13.66 -35.85
N PHE B 118 31.29 -13.17 -34.79
CA PHE B 118 32.56 -12.44 -34.86
C PHE B 118 33.68 -13.16 -34.11
N PRO B 119 34.74 -13.55 -34.84
CA PRO B 119 35.96 -14.10 -34.24
C PRO B 119 36.68 -13.07 -33.38
N PRO B 120 37.54 -13.53 -32.46
CA PRO B 120 38.31 -12.63 -31.59
C PRO B 120 39.05 -11.56 -32.38
N SER B 121 38.95 -10.31 -31.96
CA SER B 121 39.73 -9.26 -32.61
C SER B 121 41.21 -9.50 -32.32
N SER B 122 42.06 -9.05 -33.23
CA SER B 122 43.51 -9.21 -33.11
C SER B 122 44.03 -8.59 -31.82
N GLU B 123 43.67 -7.34 -31.57
CA GLU B 123 44.10 -6.66 -30.34
C GLU B 123 43.90 -7.57 -29.13
N GLN B 124 42.78 -8.30 -29.11
CA GLN B 124 42.48 -9.16 -27.97
C GLN B 124 43.44 -10.34 -27.91
N LEU B 125 43.65 -11.00 -29.04
CA LEU B 125 44.62 -12.08 -29.11
C LEU B 125 45.98 -11.61 -28.60
N THR B 126 46.39 -10.42 -29.04
CA THR B 126 47.58 -9.74 -28.50
C THR B 126 47.52 -9.68 -26.97
N SER B 127 46.40 -9.22 -26.44
CA SER B 127 46.21 -9.16 -24.99
C SER B 127 46.37 -10.54 -24.36
N GLY B 128 46.08 -11.58 -25.13
CA GLY B 128 46.16 -12.93 -24.63
C GLY B 128 44.83 -13.62 -24.35
N GLY B 129 43.73 -12.92 -24.61
CA GLY B 129 42.42 -13.53 -24.53
C GLY B 129 41.82 -13.84 -25.89
N ALA B 130 40.78 -14.67 -25.92
CA ALA B 130 40.04 -14.91 -27.16
C ALA B 130 38.53 -14.94 -26.92
N SER B 131 37.81 -14.02 -27.53
CA SER B 131 36.37 -13.95 -27.32
C SER B 131 35.61 -14.03 -28.61
N VAL B 132 34.85 -15.11 -28.77
CA VAL B 132 33.99 -15.26 -29.93
C VAL B 132 32.62 -14.72 -29.57
N VAL B 133 32.12 -13.78 -30.35
CA VAL B 133 30.86 -13.12 -30.01
C VAL B 133 29.81 -13.45 -31.06
N CYS B 134 28.59 -13.71 -30.62
CA CYS B 134 27.49 -13.92 -31.55
C CYS B 134 26.33 -12.97 -31.24
N PHE B 135 25.78 -12.34 -32.26
CA PHE B 135 24.63 -11.47 -32.09
C PHE B 135 23.43 -12.14 -32.70
N LEU B 136 22.30 -12.02 -32.02
CA LEU B 136 21.02 -12.50 -32.51
C LEU B 136 20.05 -11.34 -32.37
N ASN B 137 19.63 -10.78 -33.50
CA ASN B 137 19.03 -9.45 -33.49
C ASN B 137 17.60 -9.32 -34.04
N ASN B 138 16.79 -8.56 -33.30
CA ASN B 138 15.41 -8.26 -33.69
C ASN B 138 14.49 -9.46 -33.87
N PHE B 139 14.47 -10.36 -32.89
CA PHE B 139 13.58 -11.51 -32.90
C PHE B 139 12.42 -11.33 -31.94
N TYR B 140 11.29 -11.94 -32.27
CA TYR B 140 10.18 -12.09 -31.35
C TYR B 140 9.56 -13.46 -31.63
N PRO B 141 9.12 -14.18 -30.59
CA PRO B 141 9.08 -13.93 -29.15
C PRO B 141 10.45 -14.00 -28.48
N LYS B 142 10.53 -13.51 -27.24
CA LYS B 142 11.78 -13.46 -26.51
C LYS B 142 12.52 -14.80 -26.42
N ASP B 143 11.78 -15.90 -26.41
CA ASP B 143 12.38 -17.19 -26.15
C ASP B 143 13.29 -17.58 -27.31
N ILE B 144 14.55 -17.84 -27.02
CA ILE B 144 15.53 -18.21 -28.03
C ILE B 144 16.58 -19.13 -27.44
N ASN B 145 17.21 -19.95 -28.28
CA ASN B 145 18.23 -20.88 -27.81
C ASN B 145 19.54 -20.79 -28.59
N VAL B 146 20.65 -20.63 -27.88
CA VAL B 146 21.96 -20.49 -28.51
C VAL B 146 22.91 -21.64 -28.17
N LYS B 147 23.47 -22.25 -29.20
CA LYS B 147 24.34 -23.41 -29.03
C LYS B 147 25.73 -23.09 -29.59
N TRP B 148 26.75 -23.22 -28.75
CA TRP B 148 28.13 -22.96 -29.16
C TRP B 148 28.87 -24.26 -29.47
N LYS B 149 29.34 -24.40 -30.70
CA LYS B 149 30.11 -25.58 -31.08
C LYS B 149 31.53 -25.25 -31.50
N ILE B 150 32.49 -26.00 -30.98
CA ILE B 150 33.87 -25.91 -31.45
C ILE B 150 34.27 -27.22 -32.13
N ASP B 151 34.57 -27.14 -33.43
CA ASP B 151 34.89 -28.33 -34.20
C ASP B 151 33.75 -29.34 -34.08
N GLY B 152 32.52 -28.85 -34.10
CA GLY B 152 31.34 -29.69 -34.07
C GLY B 152 31.01 -30.25 -32.70
N SER B 153 31.82 -29.91 -31.70
CA SER B 153 31.58 -30.38 -30.35
C SER B 153 31.02 -29.27 -29.47
N GLU B 154 29.90 -29.54 -28.82
CA GLU B 154 29.23 -28.51 -28.03
C GLU B 154 30.15 -27.97 -26.94
N ARG B 155 29.97 -26.69 -26.62
CA ARG B 155 30.72 -26.03 -25.56
C ARG B 155 29.76 -25.20 -24.70
N GLN B 156 29.59 -25.62 -23.45
CA GLN B 156 28.68 -24.93 -22.53
C GLN B 156 29.38 -23.94 -21.60
N ASN B 157 30.71 -24.00 -21.57
CA ASN B 157 31.47 -23.24 -20.60
C ASN B 157 32.18 -22.03 -21.21
N GLY B 158 32.22 -20.94 -20.46
CA GLY B 158 32.81 -19.70 -20.95
C GLY B 158 31.78 -18.89 -21.69
N VAL B 159 30.56 -19.41 -21.78
CA VAL B 159 29.47 -18.72 -22.47
C VAL B 159 28.74 -17.77 -21.52
N LEU B 160 28.51 -16.55 -21.97
CA LEU B 160 27.81 -15.53 -21.19
C LEU B 160 26.83 -14.76 -22.06
N ASN B 161 25.55 -14.76 -21.66
CA ASN B 161 24.50 -14.21 -22.49
C ASN B 161 23.88 -12.94 -21.94
N SER B 162 23.43 -12.07 -22.84
CA SER B 162 22.78 -10.85 -22.42
C SER B 162 21.66 -10.52 -23.40
N TRP B 163 20.56 -9.98 -22.88
CA TRP B 163 19.33 -9.80 -23.63
C TRP B 163 18.89 -8.37 -23.47
N THR B 164 18.46 -7.73 -24.55
CA THR B 164 17.95 -6.39 -24.41
C THR B 164 16.53 -6.46 -23.88
N ASP B 165 15.96 -5.29 -23.59
CA ASP B 165 14.55 -5.19 -23.29
C ASP B 165 13.89 -5.07 -24.65
N GLN B 166 12.59 -4.84 -24.70
CA GLN B 166 11.98 -4.61 -26.01
C GLN B 166 12.58 -3.35 -26.64
N ASP B 167 12.71 -3.37 -27.95
CA ASP B 167 13.32 -2.28 -28.70
C ASP B 167 12.39 -1.10 -28.69
N SER B 168 12.93 0.11 -28.55
CA SER B 168 12.12 1.34 -28.57
C SER B 168 11.46 1.60 -29.92
N LYS B 169 11.94 0.95 -30.96
CA LYS B 169 11.47 1.18 -32.32
C LYS B 169 10.47 0.11 -32.79
N ASP B 170 10.97 -1.12 -32.92
CA ASP B 170 10.18 -2.24 -33.43
C ASP B 170 9.61 -3.20 -32.37
N SER B 171 9.91 -2.96 -31.10
CA SER B 171 9.46 -3.85 -30.01
C SER B 171 9.99 -5.30 -30.08
N THR B 172 11.14 -5.51 -30.73
CA THR B 172 11.73 -6.85 -30.77
C THR B 172 12.78 -7.05 -29.67
N TYR B 173 13.30 -8.27 -29.59
CA TYR B 173 14.35 -8.59 -28.63
C TYR B 173 15.64 -8.95 -29.34
N SER B 174 16.75 -8.66 -28.68
CA SER B 174 18.04 -9.01 -29.19
C SER B 174 18.84 -9.62 -28.07
N MET B 175 19.82 -10.42 -28.42
CA MET B 175 20.68 -11.06 -27.45
C MET B 175 22.11 -11.21 -27.98
N SER B 176 23.09 -10.90 -27.13
CA SER B 176 24.47 -11.21 -27.42
C SER B 176 24.89 -12.45 -26.63
N SER B 177 25.75 -13.27 -27.24
CA SER B 177 26.25 -14.48 -26.60
C SER B 177 27.75 -14.57 -26.75
N THR B 178 28.48 -14.63 -25.65
CA THR B 178 29.94 -14.54 -25.72
C THR B 178 30.66 -15.78 -25.20
N LEU B 179 31.49 -16.36 -26.06
CA LEU B 179 32.32 -17.49 -25.67
C LEU B 179 33.76 -17.02 -25.43
N THR B 180 34.18 -17.01 -24.17
CA THR B 180 35.55 -16.63 -23.87
C THR B 180 36.44 -17.85 -23.65
N LEU B 181 37.67 -17.74 -24.13
CA LEU B 181 38.66 -18.79 -24.07
C LEU B 181 40.00 -18.12 -23.81
N THR B 182 40.88 -18.81 -23.09
CA THR B 182 42.26 -18.39 -23.06
C THR B 182 42.77 -18.54 -24.48
N LYS B 183 43.61 -17.61 -24.91
CA LYS B 183 44.08 -17.57 -26.30
C LYS B 183 44.58 -18.93 -26.77
N ASP B 184 45.34 -19.61 -25.92
CA ASP B 184 45.88 -20.93 -26.26
C ASP B 184 44.76 -21.94 -26.47
N GLU B 185 43.76 -21.90 -25.59
CA GLU B 185 42.58 -22.75 -25.72
C GLU B 185 41.92 -22.51 -27.08
N TYR B 186 41.81 -21.22 -27.43
CA TYR B 186 41.19 -20.81 -28.68
C TYR B 186 41.92 -21.37 -29.89
N GLU B 187 43.25 -21.30 -29.85
CA GLU B 187 44.07 -21.72 -30.97
C GLU B 187 44.12 -23.24 -31.15
N ARG B 188 43.93 -23.97 -30.07
CA ARG B 188 43.95 -25.43 -30.15
C ARG B 188 42.83 -25.96 -31.03
N HIS B 189 41.91 -25.07 -31.41
CA HIS B 189 40.78 -25.49 -32.24
C HIS B 189 40.64 -24.69 -33.52
N ASN B 190 39.69 -25.08 -34.37
CA ASN B 190 39.69 -24.69 -35.77
C ASN B 190 38.42 -23.96 -36.22
N SER B 191 37.29 -24.67 -36.17
CA SER B 191 36.01 -24.08 -36.54
C SER B 191 35.15 -23.72 -35.32
N TYR B 192 34.44 -22.62 -35.44
CA TYR B 192 33.55 -22.18 -34.38
C TYR B 192 32.19 -21.84 -34.97
N THR B 193 31.15 -22.45 -34.40
CA THR B 193 29.79 -22.15 -34.82
C THR B 193 28.95 -21.68 -33.65
N CYS B 194 28.11 -20.71 -33.95
CA CYS B 194 27.10 -20.23 -33.04
C CYS B 194 25.78 -20.49 -33.73
N GLU B 195 24.92 -21.29 -33.09
CA GLU B 195 23.77 -21.87 -33.74
C GLU B 195 22.51 -21.55 -32.96
N ALA B 196 21.60 -20.80 -33.56
CA ALA B 196 20.37 -20.40 -32.88
C ALA B 196 19.18 -21.24 -33.30
N THR B 197 18.29 -21.49 -32.33
CA THR B 197 17.01 -22.10 -32.61
C THR B 197 15.91 -21.24 -32.02
N HIS B 198 14.87 -21.03 -32.81
CA HIS B 198 13.83 -20.07 -32.49
C HIS B 198 12.53 -20.46 -33.18
N LYS B 199 11.42 -19.98 -32.63
CA LYS B 199 10.09 -20.35 -33.03
C LYS B 199 9.87 -20.22 -34.56
N THR B 200 10.61 -19.32 -35.19
CA THR B 200 10.28 -18.87 -36.54
C THR B 200 10.89 -19.72 -37.66
N SER B 201 11.57 -20.80 -37.29
CA SER B 201 12.17 -21.68 -38.28
C SER B 201 12.18 -23.11 -37.77
N THR B 202 12.02 -24.06 -38.67
CA THR B 202 12.01 -25.47 -38.27
C THR B 202 13.42 -26.06 -38.32
N SER B 203 14.41 -25.21 -38.58
CA SER B 203 15.80 -25.62 -38.58
C SER B 203 16.68 -24.50 -38.03
N PRO B 204 17.76 -24.87 -37.34
CA PRO B 204 18.62 -23.90 -36.66
C PRO B 204 19.30 -22.90 -37.60
N ILE B 205 19.22 -21.62 -37.26
CA ILE B 205 19.98 -20.58 -37.95
C ILE B 205 21.42 -20.73 -37.47
N VAL B 206 22.34 -20.94 -38.40
CA VAL B 206 23.70 -21.32 -38.05
C VAL B 206 24.75 -20.40 -38.65
N LYS B 207 25.57 -19.77 -37.81
CA LYS B 207 26.69 -18.99 -38.33
C LYS B 207 28.02 -19.55 -37.86
N SER B 208 28.94 -19.76 -38.79
CA SER B 208 30.21 -20.38 -38.45
C SER B 208 31.39 -19.66 -39.08
N PHE B 209 32.58 -20.01 -38.61
CA PHE B 209 33.80 -19.55 -39.26
C PHE B 209 34.93 -20.50 -38.93
N ASN B 210 35.97 -20.43 -39.76
CA ASN B 210 37.21 -21.11 -39.48
C ASN B 210 38.27 -20.04 -39.37
N ARG B 211 39.38 -20.38 -38.71
CA ARG B 211 40.44 -19.41 -38.46
C ARG B 211 41.42 -19.33 -39.64
N ASN B 212 41.10 -20.03 -40.73
CA ASN B 212 41.92 -20.10 -41.95
C ASN B 212 43.27 -20.75 -41.68
N GLU C 1 2.83 18.34 -6.01
CA GLU C 1 4.09 19.09 -5.98
C GLU C 1 5.02 18.50 -4.93
N VAL C 2 4.49 17.64 -4.08
CA VAL C 2 5.32 16.94 -3.11
C VAL C 2 6.43 16.19 -3.82
N GLN C 3 7.62 16.20 -3.24
CA GLN C 3 8.77 15.55 -3.84
C GLN C 3 9.64 14.88 -2.77
N LEU C 4 10.03 13.63 -3.03
CA LEU C 4 11.04 12.97 -2.21
C LEU C 4 12.32 12.85 -3.01
N GLN C 5 13.33 13.62 -2.63
CA GLN C 5 14.59 13.63 -3.35
C GLN C 5 15.63 12.81 -2.60
N GLN C 6 15.97 11.65 -3.15
CA GLN C 6 17.01 10.78 -2.59
C GLN C 6 18.46 11.13 -2.94
N SER C 7 19.38 10.74 -2.07
CA SER C 7 20.81 10.96 -2.28
C SER C 7 21.30 10.15 -3.49
N GLY C 8 22.46 10.50 -4.01
CA GLY C 8 22.97 9.93 -5.25
C GLY C 8 23.52 8.51 -5.11
N ALA C 9 23.92 7.94 -6.24
CA ALA C 9 24.35 6.55 -6.30
C ALA C 9 25.50 6.32 -5.32
N GLU C 10 25.63 5.09 -4.84
CA GLU C 10 26.65 4.77 -3.86
C GLU C 10 27.41 3.51 -4.28
N LEU C 11 28.74 3.59 -4.27
CA LEU C 11 29.58 2.46 -4.58
C LEU C 11 30.62 2.26 -3.49
N VAL C 12 30.63 1.09 -2.87
CA VAL C 12 31.47 0.86 -1.71
C VAL C 12 32.05 -0.55 -1.68
N LYS C 13 33.08 -0.73 -0.85
CA LYS C 13 33.63 -2.05 -0.57
C LYS C 13 32.74 -2.81 0.40
N PRO C 14 32.77 -4.16 0.32
CA PRO C 14 32.05 -4.95 1.33
C PRO C 14 32.72 -4.79 2.68
N GLY C 15 31.92 -4.71 3.74
CA GLY C 15 32.43 -4.52 5.09
C GLY C 15 32.15 -3.12 5.60
N SER C 16 31.79 -2.22 4.71
CA SER C 16 31.57 -0.83 5.10
C SER C 16 30.09 -0.57 5.30
N SER C 17 29.76 0.68 5.64
CA SER C 17 28.37 1.07 5.88
C SER C 17 28.04 2.27 5.01
N VAL C 18 26.76 2.56 4.85
CA VAL C 18 26.32 3.66 4.01
C VAL C 18 25.10 4.35 4.62
N LYS C 19 24.94 5.64 4.35
CA LYS C 19 23.77 6.36 4.81
C LYS C 19 23.11 7.02 3.62
N ILE C 20 21.92 6.55 3.28
CA ILE C 20 21.14 7.12 2.19
C ILE C 20 20.12 8.06 2.78
N SER C 21 19.85 9.16 2.09
CA SER C 21 18.96 10.18 2.63
C SER C 21 17.81 10.46 1.67
N CYS C 22 16.73 10.97 2.21
CA CYS C 22 15.58 11.36 1.44
C CYS C 22 15.11 12.70 2.01
N LYS C 23 15.17 13.75 1.19
CA LYS C 23 14.63 15.03 1.63
C LYS C 23 13.23 15.24 1.04
N THR C 24 12.33 15.73 1.88
CA THR C 24 10.95 15.90 1.50
C THR C 24 10.62 17.38 1.31
N SER C 25 9.99 17.71 0.18
CA SER C 25 9.64 19.09 -0.10
C SER C 25 8.23 19.22 -0.66
N GLY C 26 7.47 20.18 -0.14
CA GLY C 26 6.12 20.41 -0.61
C GLY C 26 5.01 19.92 0.30
N ASP C 27 5.37 19.56 1.52
CA ASP C 27 4.39 19.16 2.54
C ASP C 27 5.05 19.09 3.91
N SER C 28 4.31 18.64 4.92
CA SER C 28 4.89 18.45 6.24
C SER C 28 5.52 17.08 6.36
N PHE C 29 6.79 17.07 6.73
CA PHE C 29 7.59 15.86 6.84
C PHE C 29 7.16 15.02 8.04
N THR C 30 6.80 15.70 9.12
CA THR C 30 6.51 15.03 10.40
C THR C 30 5.12 14.42 10.44
N ALA C 31 4.34 14.65 9.39
CA ALA C 31 2.96 14.19 9.34
C ALA C 31 2.79 12.75 8.87
N TYR C 32 3.83 12.18 8.28
CA TYR C 32 3.70 10.84 7.70
C TYR C 32 4.90 9.96 8.02
N ASN C 33 4.67 8.67 8.19
CA ASN C 33 5.77 7.73 8.36
C ASN C 33 6.56 7.64 7.07
N MET C 34 7.87 7.47 7.17
CA MET C 34 8.72 7.26 6.01
C MET C 34 9.15 5.80 5.96
N ASN C 35 9.02 5.21 4.78
CA ASN C 35 9.32 3.78 4.62
C ASN C 35 10.47 3.61 3.69
N TRP C 36 11.15 2.46 3.81
CA TRP C 36 12.17 2.12 2.84
C TRP C 36 11.89 0.77 2.21
N VAL C 37 12.10 0.69 0.90
CA VAL C 37 11.91 -0.52 0.12
C VAL C 37 13.19 -0.84 -0.63
N LYS C 38 13.51 -2.12 -0.75
CA LYS C 38 14.65 -2.59 -1.51
C LYS C 38 14.18 -3.32 -2.76
N GLN C 39 14.66 -2.90 -3.93
CA GLN C 39 14.39 -3.61 -5.16
C GLN C 39 15.66 -4.28 -5.62
N SER C 40 15.56 -5.59 -5.86
CA SER C 40 16.71 -6.40 -6.25
C SER C 40 16.52 -6.98 -7.64
N HIS C 41 17.61 -6.98 -8.42
CA HIS C 41 17.60 -7.44 -9.80
C HIS C 41 16.42 -6.87 -10.60
N GLY C 42 16.18 -5.58 -10.42
CA GLY C 42 15.17 -4.87 -11.19
C GLY C 42 13.75 -5.34 -10.94
N LYS C 43 13.58 -6.33 -10.08
CA LYS C 43 12.26 -6.94 -9.90
C LYS C 43 11.70 -6.93 -8.48
N SER C 44 12.19 -7.82 -7.63
CA SER C 44 11.53 -8.10 -6.37
C SER C 44 11.63 -6.92 -5.40
N LEU C 45 10.49 -6.55 -4.83
CA LEU C 45 10.43 -5.52 -3.82
C LEU C 45 10.34 -6.10 -2.40
N GLU C 46 11.02 -5.44 -1.48
CA GLU C 46 10.97 -5.84 -0.08
C GLU C 46 10.84 -4.59 0.79
N TRP C 47 9.95 -4.68 1.77
CA TRP C 47 9.76 -3.60 2.72
C TRP C 47 10.84 -3.74 3.79
N ILE C 48 11.67 -2.72 3.93
CA ILE C 48 12.74 -2.72 4.92
C ILE C 48 12.24 -2.30 6.30
N GLY C 49 11.39 -1.29 6.34
CA GLY C 49 10.86 -0.76 7.58
C GLY C 49 10.29 0.64 7.42
N ASN C 50 9.91 1.23 8.53
CA ASN C 50 9.41 2.59 8.53
C ASN C 50 9.68 3.35 9.84
N ILE C 51 9.57 4.67 9.77
CA ILE C 51 9.94 5.51 10.89
C ILE C 51 8.94 6.66 11.00
N ASN C 52 8.58 6.97 12.25
CA ASN C 52 7.70 8.10 12.52
C ASN C 52 8.57 9.34 12.71
N PRO C 53 8.41 10.34 11.83
CA PRO C 53 9.32 11.47 11.83
C PRO C 53 9.26 12.28 13.11
N TYR C 54 8.05 12.43 13.65
CA TYR C 54 7.88 13.17 14.90
C TYR C 54 8.72 12.58 16.02
N TYR C 55 8.52 11.31 16.32
CA TYR C 55 9.22 10.67 17.43
C TYR C 55 10.50 9.88 17.10
N GLY C 56 10.75 9.65 15.83
CA GLY C 56 11.92 8.88 15.43
C GLY C 56 11.72 7.40 15.74
N SER C 57 10.46 7.03 15.97
CA SER C 57 10.11 5.65 16.29
C SER C 57 10.04 4.77 15.04
N THR C 58 10.61 3.57 15.14
CA THR C 58 10.80 2.71 13.98
C THR C 58 10.22 1.31 14.08
N ARG C 59 9.83 0.76 12.94
CA ARG C 59 9.44 -0.64 12.86
C ARG C 59 10.21 -1.27 11.72
N TYR C 60 10.93 -2.35 12.00
CA TYR C 60 11.70 -3.02 10.94
C TYR C 60 11.11 -4.35 10.51
N ASN C 61 11.27 -4.66 9.23
CA ASN C 61 11.07 -6.02 8.78
C ASN C 61 12.13 -6.89 9.43
N GLN C 62 11.74 -8.08 9.87
CA GLN C 62 12.64 -8.96 10.61
C GLN C 62 13.92 -9.24 9.84
N LYS C 63 13.78 -9.44 8.53
CA LYS C 63 14.92 -9.82 7.70
C LYS C 63 16.04 -8.78 7.73
N PHE C 64 15.66 -7.51 7.82
CA PHE C 64 16.62 -6.40 7.78
C PHE C 64 17.01 -5.86 9.14
N LYS C 65 16.48 -6.47 10.20
CA LYS C 65 16.83 -6.08 11.56
C LYS C 65 18.34 -6.24 11.73
N GLY C 66 18.99 -5.16 12.16
CA GLY C 66 20.42 -5.18 12.37
C GLY C 66 21.23 -4.81 11.14
N LYS C 67 20.65 -5.03 9.95
CA LYS C 67 21.26 -4.56 8.71
C LYS C 67 20.94 -3.09 8.43
N ALA C 68 19.68 -2.72 8.65
CA ALA C 68 19.21 -1.38 8.36
C ALA C 68 19.07 -0.64 9.67
N THR C 69 19.31 0.67 9.64
CA THR C 69 18.98 1.53 10.76
C THR C 69 18.35 2.81 10.25
N LEU C 70 17.12 3.07 10.66
CA LEU C 70 16.41 4.25 10.18
C LEU C 70 16.51 5.41 11.16
N THR C 71 16.58 6.62 10.63
CA THR C 71 16.77 7.82 11.44
C THR C 71 16.15 9.03 10.75
N VAL C 72 15.98 10.11 11.48
CA VAL C 72 15.34 11.29 10.91
C VAL C 72 15.95 12.57 11.45
N ASP C 73 16.19 13.54 10.56
CA ASP C 73 16.47 14.89 10.99
C ASP C 73 15.31 15.75 10.52
N LYS C 74 14.44 16.12 11.46
CA LYS C 74 13.21 16.83 11.13
C LYS C 74 13.52 18.25 10.67
N SER C 75 14.61 18.79 11.19
CA SER C 75 15.05 20.14 10.86
C SER C 75 15.15 20.30 9.36
N SER C 76 15.80 19.33 8.73
CA SER C 76 16.04 19.35 7.29
C SER C 76 14.97 18.62 6.50
N SER C 77 13.94 18.12 7.18
CA SER C 77 12.89 17.31 6.54
C SER C 77 13.48 16.06 5.90
N THR C 78 14.49 15.49 6.54
CA THR C 78 15.26 14.44 5.89
C THR C 78 15.21 13.14 6.66
N ALA C 79 15.01 12.03 5.96
CA ALA C 79 15.05 10.74 6.62
C ALA C 79 16.23 9.95 6.07
N TYR C 80 16.86 9.16 6.93
CA TYR C 80 18.01 8.37 6.56
C TYR C 80 17.79 6.88 6.81
N ILE C 81 18.43 6.08 5.97
CA ILE C 81 18.58 4.67 6.25
C ILE C 81 20.07 4.40 6.17
N GLN C 82 20.59 3.59 7.10
CA GLN C 82 22.00 3.27 7.09
C GLN C 82 22.18 1.77 7.10
N LEU C 83 23.04 1.30 6.21
CA LEU C 83 23.25 -0.13 6.05
C LEU C 83 24.64 -0.46 6.52
N ASN C 84 24.74 -1.57 7.25
CA ASN C 84 25.96 -1.90 7.97
C ASN C 84 26.47 -3.28 7.58
N SER C 85 27.78 -3.47 7.69
CA SER C 85 28.40 -4.73 7.31
C SER C 85 28.04 -5.18 5.90
N LEU C 86 28.13 -4.26 4.94
CA LEU C 86 27.69 -4.52 3.57
C LEU C 86 28.32 -5.74 2.88
N THR C 87 27.47 -6.48 2.16
CA THR C 87 27.88 -7.59 1.32
C THR C 87 27.29 -7.35 -0.07
N SER C 88 27.73 -8.11 -1.06
CA SER C 88 27.16 -7.99 -2.41
C SER C 88 25.62 -8.08 -2.41
N GLU C 89 25.07 -8.95 -1.58
CA GLU C 89 23.62 -9.15 -1.54
C GLU C 89 22.88 -7.88 -1.13
N ASP C 90 23.60 -6.91 -0.62
CA ASP C 90 22.99 -5.64 -0.25
C ASP C 90 22.88 -4.71 -1.46
N SER C 91 23.58 -5.03 -2.54
CA SER C 91 23.51 -4.27 -3.79
C SER C 91 22.11 -4.32 -4.35
N ALA C 92 21.52 -3.14 -4.54
CA ALA C 92 20.13 -3.04 -4.96
C ALA C 92 19.80 -1.58 -5.24
N VAL C 93 18.53 -1.31 -5.52
CA VAL C 93 18.07 0.07 -5.50
C VAL C 93 17.17 0.30 -4.29
N TYR C 94 17.46 1.35 -3.52
CA TYR C 94 16.66 1.66 -2.34
C TYR C 94 15.73 2.85 -2.58
N TYR C 95 14.48 2.67 -2.18
CA TYR C 95 13.48 3.69 -2.30
C TYR C 95 13.03 4.14 -0.93
N CYS C 96 12.81 5.44 -0.78
CA CYS C 96 12.01 5.89 0.33
C CYS C 96 10.61 6.08 -0.25
N ALA C 97 9.60 5.71 0.51
CA ALA C 97 8.23 6.01 0.13
C ALA C 97 7.56 6.71 1.32
N ARG C 98 6.51 7.45 1.03
CA ARG C 98 5.74 8.10 2.08
C ARG C 98 4.40 7.41 2.29
N GLU C 99 4.08 7.12 3.55
CA GLU C 99 2.85 6.43 3.87
C GLU C 99 1.66 7.38 4.05
N GLY C 100 0.59 7.13 3.32
CA GLY C 100 -0.65 7.87 3.54
C GLY C 100 -1.57 7.12 4.50
N ASN C 101 -2.38 7.87 5.24
CA ASN C 101 -3.25 7.31 6.28
C ASN C 101 -4.61 7.97 6.27
N TYR C 102 -5.66 7.16 6.31
CA TYR C 102 -6.97 7.71 6.63
C TYR C 102 -7.90 6.65 7.21
N TYR C 103 -9.02 7.10 7.77
CA TYR C 103 -10.00 6.23 8.40
C TYR C 103 -11.24 6.05 7.53
N ASP C 104 -11.42 4.86 6.97
CA ASP C 104 -12.66 4.47 6.29
C ASP C 104 -13.54 3.63 7.19
N GLY C 105 -13.13 3.56 8.45
CA GLY C 105 -13.64 2.63 9.45
C GLY C 105 -12.56 1.60 9.73
N GLY C 106 -11.70 1.39 8.75
CA GLY C 106 -10.44 0.73 9.00
C GLY C 106 -9.33 1.76 8.90
N SER C 107 -8.13 1.37 9.29
CA SER C 107 -6.96 2.19 9.00
C SER C 107 -6.54 1.93 7.55
N VAL C 108 -6.62 2.96 6.70
CA VAL C 108 -6.25 2.83 5.29
C VAL C 108 -4.83 3.34 5.06
N ARG C 109 -4.00 2.50 4.44
CA ARG C 109 -2.58 2.80 4.27
C ARG C 109 -2.12 2.55 2.85
N TYR C 110 -1.20 3.40 2.37
CA TYR C 110 -0.63 3.28 1.03
C TYR C 110 0.68 4.06 0.97
N PHE C 111 1.52 3.76 -0.02
CA PHE C 111 2.66 4.64 -0.28
C PHE C 111 2.32 5.51 -1.50
N ASP C 112 1.99 6.76 -1.24
CA ASP C 112 1.52 7.66 -2.30
C ASP C 112 2.64 8.38 -3.05
N TYR C 113 3.76 8.62 -2.38
CA TYR C 113 4.89 9.33 -2.97
C TYR C 113 6.20 8.59 -2.81
N TRP C 114 6.89 8.35 -3.91
CA TRP C 114 8.15 7.63 -3.87
C TRP C 114 9.34 8.50 -4.31
N GLY C 115 10.52 8.15 -3.83
CA GLY C 115 11.72 8.84 -4.22
C GLY C 115 12.19 8.27 -5.55
N GLN C 116 13.09 8.98 -6.22
CA GLN C 116 13.55 8.56 -7.54
C GLN C 116 14.36 7.26 -7.45
N GLY C 117 14.77 6.92 -6.23
CA GLY C 117 15.51 5.70 -6.00
C GLY C 117 16.98 5.98 -5.90
N THR C 118 17.72 5.08 -5.25
CA THR C 118 19.15 5.24 -5.05
C THR C 118 19.87 3.93 -5.28
N THR C 119 20.89 3.95 -6.12
CA THR C 119 21.61 2.73 -6.42
C THR C 119 22.77 2.48 -5.45
N LEU C 120 22.83 1.26 -4.93
CA LEU C 120 23.92 0.88 -4.07
C LEU C 120 24.65 -0.30 -4.66
N THR C 121 25.94 -0.13 -4.90
CA THR C 121 26.77 -1.18 -5.46
C THR C 121 27.86 -1.56 -4.48
N VAL C 122 27.86 -2.83 -4.09
CA VAL C 122 28.83 -3.32 -3.13
C VAL C 122 29.69 -4.37 -3.78
N SER C 123 30.96 -4.04 -3.98
CA SER C 123 31.91 -4.94 -4.62
C SER C 123 33.31 -4.75 -4.09
N SER C 124 34.13 -5.78 -4.20
CA SER C 124 35.53 -5.72 -3.84
C SER C 124 36.43 -5.44 -5.07
N ALA C 125 35.80 -5.19 -6.21
CA ALA C 125 36.52 -4.86 -7.44
C ALA C 125 37.17 -3.48 -7.38
N LYS C 126 38.30 -3.35 -8.06
CA LYS C 126 39.00 -2.07 -8.19
C LYS C 126 38.66 -1.38 -9.51
N THR C 127 38.61 -0.05 -9.50
CA THR C 127 38.31 0.70 -10.71
C THR C 127 39.27 0.25 -11.80
N THR C 128 38.71 -0.19 -12.91
CA THR C 128 39.47 -0.73 -14.03
C THR C 128 38.90 -0.22 -15.34
N ALA C 129 39.74 0.40 -16.15
CA ALA C 129 39.32 0.85 -17.48
C ALA C 129 39.17 -0.36 -18.39
N PRO C 130 38.21 -0.29 -19.31
CA PRO C 130 37.87 -1.43 -20.18
C PRO C 130 38.87 -1.60 -21.30
N SER C 131 38.90 -2.81 -21.86
CA SER C 131 39.57 -3.07 -23.12
C SER C 131 38.52 -3.04 -24.23
N VAL C 132 38.67 -2.12 -25.17
CA VAL C 132 37.72 -1.99 -26.27
C VAL C 132 38.20 -2.66 -27.56
N TYR C 133 37.52 -3.73 -27.97
CA TYR C 133 37.90 -4.50 -29.15
C TYR C 133 36.89 -4.32 -30.27
N PRO C 134 37.32 -3.81 -31.42
CA PRO C 134 36.39 -3.75 -32.54
C PRO C 134 36.14 -5.14 -33.09
N LEU C 135 34.89 -5.43 -33.44
CA LEU C 135 34.53 -6.71 -34.04
C LEU C 135 33.98 -6.48 -35.44
N ALA C 136 34.66 -7.05 -36.43
CA ALA C 136 34.26 -6.90 -37.82
C ALA C 136 33.90 -8.27 -38.33
N PRO C 137 33.14 -8.33 -39.43
CA PRO C 137 32.66 -9.56 -40.05
C PRO C 137 33.78 -10.60 -40.26
N VAL C 138 33.39 -11.88 -40.25
CA VAL C 138 34.32 -12.96 -40.55
C VAL C 138 35.00 -12.71 -41.89
N CYS C 139 36.28 -13.07 -41.99
CA CYS C 139 37.06 -12.79 -43.18
C CYS C 139 36.31 -13.25 -44.43
N GLY C 140 36.17 -12.36 -45.40
CA GLY C 140 35.42 -12.66 -46.61
C GLY C 140 33.96 -12.99 -46.33
N SER C 143 28.41 -12.25 -47.76
CA SER C 143 27.86 -10.91 -47.53
C SER C 143 26.33 -10.92 -47.64
N GLY C 144 25.77 -9.78 -48.00
CA GLY C 144 24.33 -9.64 -48.11
C GLY C 144 23.95 -8.22 -48.52
N SER C 145 22.71 -7.84 -48.25
CA SER C 145 22.27 -6.46 -48.47
C SER C 145 22.61 -5.62 -47.23
N SER C 146 22.94 -6.32 -46.15
CA SER C 146 23.31 -5.65 -44.92
C SER C 146 24.45 -6.34 -44.20
N VAL C 147 25.15 -5.58 -43.38
CA VAL C 147 26.34 -6.03 -42.69
C VAL C 147 26.25 -5.57 -41.24
N THR C 148 26.76 -6.41 -40.35
CA THR C 148 26.63 -6.20 -38.91
C THR C 148 28.00 -6.12 -38.28
N LEU C 149 28.24 -5.04 -37.54
CA LEU C 149 29.51 -4.79 -36.89
C LEU C 149 29.30 -4.76 -35.39
N GLY C 150 30.38 -4.92 -34.63
CA GLY C 150 30.27 -4.93 -33.19
C GLY C 150 31.43 -4.29 -32.47
N CYS C 151 31.24 -4.05 -31.19
CA CYS C 151 32.26 -3.46 -30.33
C CYS C 151 32.17 -4.20 -29.01
N LEU C 152 33.29 -4.78 -28.58
CA LEU C 152 33.32 -5.55 -27.36
C LEU C 152 34.09 -4.80 -26.29
N VAL C 153 33.40 -4.42 -25.22
CA VAL C 153 34.00 -3.69 -24.11
C VAL C 153 34.18 -4.60 -22.91
N LYS C 154 35.42 -4.97 -22.61
CA LYS C 154 35.66 -6.05 -21.66
C LYS C 154 36.43 -5.63 -20.42
N GLY C 155 36.16 -6.31 -19.30
CA GLY C 155 36.90 -6.15 -18.07
C GLY C 155 36.94 -4.78 -17.41
N TYR C 156 35.79 -4.16 -17.21
CA TYR C 156 35.80 -2.87 -16.52
C TYR C 156 35.06 -2.86 -15.19
N PHE C 157 35.20 -1.72 -14.51
CA PHE C 157 34.57 -1.48 -13.24
C PHE C 157 34.88 -0.06 -12.79
N PRO C 158 33.88 0.63 -12.25
CA PRO C 158 32.49 0.15 -12.14
C PRO C 158 31.64 0.60 -13.33
N GLU C 159 30.36 0.28 -13.32
CA GLU C 159 29.41 0.82 -14.29
C GLU C 159 29.21 2.31 -14.06
N PRO C 160 28.75 3.04 -15.07
CA PRO C 160 28.47 2.65 -16.45
C PRO C 160 29.62 2.95 -17.43
N VAL C 161 29.43 2.58 -18.70
CA VAL C 161 30.23 3.11 -19.79
C VAL C 161 29.28 3.79 -20.75
N THR C 162 29.80 4.70 -21.56
CA THR C 162 29.02 5.30 -22.62
C THR C 162 29.57 4.80 -23.95
N LEU C 163 28.72 4.15 -24.74
CA LEU C 163 29.15 3.59 -26.01
C LEU C 163 28.34 4.16 -27.18
N THR C 164 28.97 4.93 -28.04
CA THR C 164 28.30 5.41 -29.24
C THR C 164 28.98 4.91 -30.51
N TRP C 165 28.44 5.32 -31.64
CA TRP C 165 29.04 4.99 -32.91
C TRP C 165 29.14 6.24 -33.75
N ASN C 166 30.33 6.50 -34.27
CA ASN C 166 30.57 7.70 -35.04
C ASN C 166 30.06 8.92 -34.28
N SER C 167 30.36 8.96 -32.98
CA SER C 167 29.98 10.07 -32.11
C SER C 167 28.46 10.33 -32.08
N GLY C 168 27.67 9.26 -32.18
CA GLY C 168 26.22 9.40 -32.19
C GLY C 168 25.67 9.79 -33.55
N SER C 169 26.54 10.01 -34.51
CA SER C 169 26.06 10.37 -35.85
C SER C 169 25.51 9.12 -36.50
N LEU C 170 25.88 7.97 -35.94
CA LEU C 170 25.38 6.69 -36.42
C LEU C 170 24.38 6.16 -35.41
N SER C 171 23.11 6.27 -35.76
CA SER C 171 22.04 6.18 -34.77
C SER C 171 21.26 4.90 -34.92
N SER C 172 20.57 4.78 -36.05
CA SER C 172 19.72 3.64 -36.32
C SER C 172 20.54 2.34 -36.41
N GLY C 173 19.86 1.21 -36.16
CA GLY C 173 20.46 -0.10 -36.25
C GLY C 173 21.37 -0.52 -35.10
N VAL C 174 21.42 0.26 -34.03
CA VAL C 174 22.30 -0.07 -32.91
C VAL C 174 21.57 -0.85 -31.82
N HIS C 175 22.26 -1.83 -31.24
CA HIS C 175 21.79 -2.52 -30.03
C HIS C 175 22.96 -2.55 -29.08
N THR C 176 22.77 -1.95 -27.91
CA THR C 176 23.76 -2.08 -26.86
C THR C 176 23.22 -3.00 -25.78
N PHE C 177 23.95 -4.07 -25.49
CA PHE C 177 23.49 -5.08 -24.54
C PHE C 177 23.88 -4.74 -23.11
N PRO C 178 23.03 -5.12 -22.15
CA PRO C 178 23.30 -4.98 -20.72
C PRO C 178 24.61 -5.66 -20.36
N ALA C 179 25.36 -5.06 -19.45
CA ALA C 179 26.64 -5.58 -19.00
C ALA C 179 26.43 -6.83 -18.14
N VAL C 180 27.43 -7.70 -18.14
CA VAL C 180 27.41 -8.84 -17.20
C VAL C 180 28.74 -8.95 -16.45
N LEU C 181 28.71 -9.62 -15.31
CA LEU C 181 29.92 -9.76 -14.50
C LEU C 181 30.67 -11.05 -14.80
N GLN C 182 31.96 -10.92 -15.11
CA GLN C 182 32.82 -12.08 -15.21
C GLN C 182 33.83 -11.94 -14.10
N SER C 183 33.81 -12.87 -13.16
CA SER C 183 34.56 -12.71 -11.92
C SER C 183 34.21 -11.34 -11.34
N ASP C 184 35.20 -10.46 -11.22
CA ASP C 184 34.96 -9.16 -10.60
C ASP C 184 34.57 -8.03 -11.55
N LEU C 185 34.63 -8.28 -12.85
CA LEU C 185 34.53 -7.17 -13.80
C LEU C 185 33.37 -7.26 -14.78
N TYR C 186 32.94 -6.09 -15.26
CA TYR C 186 31.87 -6.03 -16.26
C TYR C 186 32.37 -6.27 -17.68
N THR C 187 31.51 -6.84 -18.50
CA THR C 187 31.76 -6.96 -19.93
C THR C 187 30.47 -6.64 -20.68
N LEU C 188 30.61 -5.92 -21.78
CA LEU C 188 29.46 -5.42 -22.54
C LEU C 188 29.81 -5.30 -24.02
N SER C 189 28.82 -5.45 -24.89
CA SER C 189 29.04 -5.38 -26.32
C SER C 189 27.96 -4.52 -26.98
N SER C 190 28.22 -4.10 -28.21
CA SER C 190 27.22 -3.36 -28.98
C SER C 190 27.34 -3.79 -30.43
N SER C 191 26.23 -3.85 -31.13
CA SER C 191 26.30 -4.11 -32.55
C SER C 191 25.54 -3.02 -33.28
N VAL C 192 26.00 -2.71 -34.49
CA VAL C 192 25.31 -1.79 -35.39
C VAL C 192 25.18 -2.49 -36.72
N THR C 193 24.01 -2.37 -37.34
CA THR C 193 23.78 -3.00 -38.63
C THR C 193 23.51 -1.91 -39.67
N VAL C 194 24.20 -2.01 -40.79
CA VAL C 194 24.09 -1.02 -41.85
C VAL C 194 23.94 -1.70 -43.21
N THR C 195 23.42 -0.98 -44.19
CA THR C 195 23.45 -1.45 -45.57
C THR C 195 24.90 -1.70 -45.98
N SER C 196 25.13 -2.77 -46.74
CA SER C 196 26.50 -3.13 -47.15
C SER C 196 27.16 -2.09 -48.06
N SER C 197 26.37 -1.15 -48.57
CA SER C 197 26.90 -0.04 -49.34
C SER C 197 27.56 0.98 -48.42
N THR C 198 27.19 0.92 -47.15
CA THR C 198 27.67 1.83 -46.12
C THR C 198 29.03 1.41 -45.55
N TRP C 199 29.25 0.10 -45.46
CA TRP C 199 30.49 -0.41 -44.90
C TRP C 199 31.03 -1.52 -45.78
N PRO C 200 32.37 -1.57 -45.91
CA PRO C 200 33.18 -0.53 -45.29
C PRO C 200 33.51 0.67 -46.17
N SER C 201 32.56 1.18 -46.95
CA SER C 201 32.86 2.33 -47.79
C SER C 201 33.09 3.54 -46.88
N GLN C 202 32.34 3.60 -45.79
CA GLN C 202 32.39 4.75 -44.89
C GLN C 202 32.98 4.35 -43.57
N SER C 203 33.55 5.33 -42.88
CA SER C 203 34.21 5.05 -41.63
C SER C 203 33.19 4.86 -40.54
N ILE C 204 33.31 3.74 -39.84
CA ILE C 204 32.44 3.42 -38.73
C ILE C 204 33.26 3.16 -37.48
N THR C 205 33.03 3.97 -36.45
CA THR C 205 33.88 3.91 -35.27
C THR C 205 33.09 3.80 -33.98
N CYS C 206 33.52 2.87 -33.14
CA CYS C 206 32.95 2.69 -31.80
C CYS C 206 33.59 3.66 -30.80
N ASN C 207 32.77 4.43 -30.10
CA ASN C 207 33.26 5.30 -29.04
C ASN C 207 32.86 4.75 -27.69
N VAL C 208 33.82 4.68 -26.77
CA VAL C 208 33.58 4.13 -25.44
C VAL C 208 34.24 5.01 -24.39
N ALA C 209 33.45 5.59 -23.51
CA ALA C 209 33.96 6.39 -22.39
C ALA C 209 33.63 5.71 -21.07
N HIS C 210 34.57 5.80 -20.14
CA HIS C 210 34.40 5.23 -18.81
C HIS C 210 34.98 6.24 -17.84
N PRO C 211 34.16 7.24 -17.46
CA PRO C 211 34.54 8.34 -16.57
C PRO C 211 35.18 7.88 -15.27
N ALA C 212 34.70 6.79 -14.67
CA ALA C 212 35.28 6.28 -13.43
C ALA C 212 36.80 6.17 -13.54
N SER C 213 37.28 5.62 -14.66
CA SER C 213 38.71 5.59 -14.93
C SER C 213 39.14 6.74 -15.82
N SER C 214 38.21 7.65 -16.13
CA SER C 214 38.53 8.82 -16.93
C SER C 214 39.14 8.46 -18.27
N THR C 215 38.56 7.47 -18.94
CA THR C 215 39.04 7.07 -20.27
C THR C 215 38.02 7.36 -21.37
N LYS C 216 38.55 7.66 -22.55
CA LYS C 216 37.78 7.85 -23.75
C LYS C 216 38.54 7.13 -24.86
N VAL C 217 37.88 6.18 -25.52
CA VAL C 217 38.54 5.35 -26.52
C VAL C 217 37.68 5.26 -27.80
N ASP C 218 38.36 5.22 -28.94
CA ASP C 218 37.69 5.09 -30.21
C ASP C 218 38.32 3.92 -30.96
N LYS C 219 37.49 3.04 -31.50
CA LYS C 219 37.99 1.98 -32.35
C LYS C 219 37.28 1.93 -33.69
N LYS C 220 38.04 2.20 -34.74
CA LYS C 220 37.58 2.06 -36.11
C LYS C 220 37.36 0.58 -36.39
N ILE C 221 36.23 0.24 -36.97
CA ILE C 221 36.01 -1.14 -37.39
C ILE C 221 36.63 -1.27 -38.77
N GLU C 222 37.51 -2.26 -38.94
CA GLU C 222 38.19 -2.44 -40.21
C GLU C 222 38.07 -3.89 -40.68
N PRO C 223 37.94 -4.09 -42.00
CA PRO C 223 37.85 -5.42 -42.58
C PRO C 223 39.03 -6.24 -42.09
N ARG C 224 38.81 -7.51 -41.81
CA ARG C 224 39.89 -8.39 -41.39
C ARG C 224 40.82 -8.75 -42.56
N GLY C 225 42.09 -9.03 -42.26
CA GLY C 225 43.09 -9.25 -43.29
C GLY C 225 42.86 -10.47 -44.16
N PRO C 226 42.81 -10.27 -45.50
CA PRO C 226 42.97 -8.98 -46.17
C PRO C 226 41.78 -8.04 -45.95
C1 ZMA D . -45.26 4.89 34.82
C2 ZMA D . -46.52 5.45 35.01
C3 ZMA D . -47.33 5.72 33.92
O4 ZMA D . -48.57 6.26 34.11
C5 ZMA D . -46.89 5.44 32.63
C6 ZMA D . -45.62 4.88 32.44
C7 ZMA D . -44.82 4.61 33.53
C8 ZMA D . -43.48 4.02 33.35
C9 ZMA D . -42.34 4.79 33.93
N10 ZMA D . -41.05 4.56 33.40
C11 ZMA D . -40.28 5.67 32.99
N12 ZMA D . -39.03 5.49 32.53
N13 ZMA D . -40.82 6.92 33.05
C14 ZMA D . -40.09 7.97 32.65
N15 ZMA D . -40.65 9.30 32.72
N16 ZMA D . -38.80 7.80 32.18
N17 ZMA D . -37.84 8.69 31.71
C18 ZMA D . -38.29 6.57 32.12
N19 ZMA D . -37.01 6.68 31.62
C20 ZMA D . -36.74 7.98 31.37
C21 ZMA D . -35.57 8.49 30.88
C22 ZMA D . -34.33 7.86 30.93
C23 ZMA D . -33.42 8.72 30.34
C24 ZMA D . -34.12 9.85 29.96
O25 ZMA D . -35.41 9.69 30.30
C1 STE E . -13.56 25.31 16.18
O1 STE E . -12.81 24.75 15.33
O2 STE E . -13.16 26.35 16.78
C2 STE E . -14.91 24.76 16.48
C3 STE E . -16.06 25.40 15.80
C4 STE E . -17.35 25.47 16.55
C5 STE E . -18.58 25.73 15.76
C6 STE E . -19.78 26.25 16.49
C7 STE E . -21.09 26.04 15.83
C8 STE E . -22.31 26.46 16.58
C9 STE E . -22.80 25.50 17.60
C10 STE E . -23.36 24.20 17.11
C11 STE E . -24.83 24.13 16.90
C12 STE E . -25.49 25.32 16.30
C13 STE E . -26.04 26.35 17.25
C14 STE E . -27.43 26.15 17.74
C15 STE E . -28.25 27.35 18.03
C16 STE E . -28.79 27.48 19.41
C17 STE E . -27.95 26.91 20.50
C18 STE E . -28.65 26.47 21.75
C1 STE F . -26.38 4.30 1.38
O1 STE F . -25.75 5.08 0.61
O2 STE F . -25.86 3.22 1.74
C2 STE F . -27.74 4.69 1.88
C3 STE F . -27.84 5.36 3.20
C4 STE F . -29.20 5.62 3.76
C5 STE F . -29.42 6.93 4.44
C6 STE F . -30.24 6.95 5.68
C7 STE F . -30.53 8.29 6.30
C8 STE F . -30.71 8.34 7.78
C9 STE F . -31.48 9.49 8.33
C10 STE F . -31.09 10.00 9.68
C11 STE F . -32.18 10.54 10.53
C12 STE F . -32.00 11.89 11.13
C13 STE F . -33.00 12.94 10.77
C14 STE F . -33.65 13.69 11.87
C15 STE F . -33.32 13.27 13.26
C16 STE F . -34.46 13.16 14.23
C17 STE F . -34.58 14.26 15.22
C18 STE F . -35.77 15.15 15.10
C1 STE G . -25.68 8.66 1.70
O1 STE G . -24.56 8.49 1.15
O2 STE G . -26.49 7.69 1.77
C2 STE G . -26.04 9.97 2.31
C3 STE G . -25.46 10.30 3.63
C4 STE G . -26.30 11.05 4.60
C5 STE G . -25.60 11.76 5.71
C6 STE G . -26.31 11.85 7.02
C7 STE G . -25.90 12.90 7.97
C8 STE G . -26.49 12.87 9.34
C9 STE G . -27.05 14.14 9.88
C10 STE G . -28.32 14.02 10.63
C11 STE G . -28.72 15.15 11.51
C12 STE G . -28.41 15.01 12.96
C13 STE G . -29.56 15.07 13.92
C14 STE G . -29.37 15.87 15.16
C15 STE G . -30.40 15.73 16.24
C16 STE G . -30.97 16.99 16.77
C17 STE G . -30.68 18.23 16.00
C18 STE G . -31.67 19.33 16.05
C1 STE H . -5.78 -3.56 20.76
O1 STE H . -5.42 -4.76 20.78
O2 STE H . -4.97 -2.66 20.39
C2 STE H . -7.16 -3.20 21.17
C3 STE H . -8.18 -4.28 21.20
C4 STE H . -9.60 -3.89 21.43
C5 STE H . -10.37 -4.63 22.46
C6 STE H . -11.84 -4.77 22.27
C7 STE H . -12.56 -5.60 23.28
C8 STE H . -13.31 -6.81 22.81
C9 STE H . -13.55 -7.89 23.81
C10 STE H . -14.94 -8.43 23.98
C11 STE H . -15.24 -9.78 23.44
C12 STE H . -14.40 -10.27 22.31
C13 STE H . -13.98 -11.70 22.32
C14 STE H . -12.52 -11.91 22.55
C15 STE H . -11.82 -10.81 23.23
C16 STE H . -10.38 -11.02 23.59
C17 STE H . -9.74 -10.01 24.49
C18 STE H . -8.29 -10.19 24.78
C1 STE I . -9.78 -0.60 24.88
O1 STE I . -9.76 -1.78 24.43
O2 STE I . -9.15 0.31 24.28
C2 STE I . -10.54 -0.31 26.13
C3 STE I . -12.02 -0.52 26.14
C4 STE I . -12.50 -1.84 26.64
C5 STE I . -13.65 -1.91 27.60
C6 STE I . -14.31 -0.64 28.02
C7 STE I . -14.33 -0.34 29.48
C8 STE I . -15.53 0.33 30.06
C9 STE I . -15.29 1.31 31.17
C10 STE I . -15.97 1.08 32.47
C11 STE I . -16.14 -0.33 32.93
C12 STE I . -16.60 -0.56 34.34
C13 STE I . -16.42 -1.91 34.92
C14 STE I . -17.07 -2.18 36.25
C15 STE I . -18.28 -1.39 36.61
C16 STE I . -18.65 -1.27 38.05
C17 STE I . -20.00 -0.73 38.39
C18 STE I . -20.16 0.04 39.65
C1 STE J . -47.76 24.58 26.28
O1 STE J . -48.58 23.79 26.82
O2 STE J . -47.82 25.81 26.49
C2 STE J . -46.71 24.04 25.37
C3 STE J . -45.42 23.63 26.01
C4 STE J . -44.55 22.69 25.26
C5 STE J . -43.13 22.64 25.65
C6 STE J . -42.20 22.04 24.65
C7 STE J . -41.35 22.98 23.86
C8 STE J . -41.25 22.69 22.41
C9 STE J . -41.95 21.47 21.91
C10 STE J . -41.09 20.35 21.47
C11 STE J . -39.71 20.30 22.03
C12 STE J . -38.60 19.98 21.09
C13 STE J . -37.45 19.19 21.61
C14 STE J . -36.56 18.56 20.59
C15 STE J . -36.38 19.24 19.28
C16 STE J . -35.93 18.41 18.12
C17 STE J . -35.11 19.08 17.06
C18 STE J . -35.18 18.56 15.66
C1B LMT K . -14.27 29.78 5.04
C2B LMT K . -12.84 29.91 4.65
C3B LMT K . -12.56 31.18 4.09
C4B LMT K . -13.46 31.52 2.98
C5B LMT K . -14.92 31.26 3.28
C6B LMT K . -15.74 31.41 2.01
O1B LMT K . -14.54 30.65 6.10
O2B LMT K . -12.02 29.76 5.79
O3B LMT K . -11.21 31.15 3.59
O4' LMT K . -13.34 32.90 2.65
O5B LMT K . -15.15 30.02 3.86
O6B LMT K . -17.12 31.12 2.08
C1' LMT K . -16.91 29.53 9.37
C2' LMT K . -15.46 29.19 9.30
C3' LMT K . -14.71 29.93 8.36
C4' LMT K . -15.39 29.99 7.07
C5' LMT K . -16.69 30.75 7.26
C6' LMT K . -17.40 30.84 5.96
O1' LMT K . -17.69 28.45 9.84
O2' LMT K . -14.88 29.46 10.55
O3' LMT K . -13.47 29.22 8.22
O5' LMT K . -17.53 30.08 8.14
O6' LMT K . -18.79 30.82 6.00
C1 LMT K . -17.87 27.31 9.02
C2 LMT K . -19.06 26.37 9.26
C3 LMT K . -20.40 26.97 9.44
C4 LMT K . -21.60 26.00 9.63
C5 LMT K . -22.91 26.57 10.07
C6 LMT K . -24.02 25.59 10.53
C7 LMT K . -24.61 25.81 11.89
C8 LMT K . -26.16 25.75 12.03
C9 LMT K . -26.77 26.34 13.32
C10 LMT K . -28.21 26.79 13.30
C11 LMT K . -28.92 26.87 14.63
C12 LMT K . -30.36 27.21 14.66
#